data_9CT1
#
_entry.id   9CT1
#
_cell.length_a   47.249
_cell.length_b   85.887
_cell.length_c   186.063
_cell.angle_alpha   90.00
_cell.angle_beta   90.00
_cell.angle_gamma   90.00
#
_symmetry.space_group_name_H-M   'P 21 21 21'
#
loop_
_entity.id
_entity.type
_entity.pdbx_description
1 polymer Trypsin
2 polymer 'KTI-A protein'
3 non-polymer 'CALCIUM ION'
4 water water
#
loop_
_entity_poly.entity_id
_entity_poly.type
_entity_poly.pdbx_seq_one_letter_code
_entity_poly.pdbx_strand_id
1 'polypeptide(L)'
;FPTDDDDKIVGGYTCAANSIPYQVSLNSGSHFCGGSLINSQWVVSAAHCYKSRIQVRLGEHNIDVLEGNEQFINAAKIIT
HPNFNGNTLDNDIMLIKLSSPATLNSRVATVSLPRSCAAAGTECLISGWGNTKSSGSSYPSLLQCLKAPVLSDSSCKSSY
PGQITGNMICVGFLEGGKDSCQGDSGGPVVCNGQLQGIVSWGYGCAQKNKPGVYTKVCNYVNWIQQTIAAN
;
A,C
2 'polypeptide(L)'
;ESPLPKPVLDTNGKKLNPNSSYRIISTFWGALGGDVYLGKSPNSDAPCPDGVFRYNSDVGPSGTPVRFIPLSGANIFEDQ
LLNIQFNIPTVKLCVSYTIWKVGNINAHLRTMLLETGGTIGQADSSYFKIVKSSKFGYNLLYCPLTRHFLCPFCRDDNFC
AKVGVVIQNGKRRLALVNENPLDVLFQEVHHHHHH
;
B,D
#
# COMPACT_ATOMS: atom_id res chain seq x y z
N ILE A 9 9.64 18.75 -6.48
CA ILE A 9 9.03 17.83 -7.46
C ILE A 9 10.15 17.17 -8.29
N VAL A 10 10.39 15.90 -8.04
CA VAL A 10 11.32 15.12 -8.85
C VAL A 10 10.57 14.58 -10.05
N GLY A 11 11.16 14.73 -11.23
CA GLY A 11 10.58 14.12 -12.40
C GLY A 11 9.28 14.74 -12.83
N GLY A 12 9.03 15.97 -12.41
CA GLY A 12 7.90 16.72 -12.86
C GLY A 12 8.23 17.55 -14.09
N TYR A 13 7.53 18.66 -14.24
CA TYR A 13 7.73 19.56 -15.36
C TYR A 13 7.47 20.98 -14.86
N THR A 14 8.05 21.95 -15.54
CA THR A 14 7.76 23.35 -15.21
C THR A 14 6.33 23.72 -15.61
N CYS A 15 5.53 24.10 -14.63
CA CYS A 15 4.18 24.58 -14.88
C CYS A 15 4.19 25.81 -15.77
N ALA A 16 3.21 25.89 -16.68
CA ALA A 16 2.96 27.11 -17.40
C ALA A 16 2.62 28.24 -16.43
N ALA A 17 3.22 29.41 -16.62
CA ALA A 17 3.08 30.50 -15.67
C ALA A 17 1.61 30.78 -15.38
N ASN A 18 1.30 30.94 -14.10
CA ASN A 18 -0.03 31.27 -13.61
C ASN A 18 -1.07 30.19 -13.92
N SER A 19 -0.63 28.99 -14.34
CA SER A 19 -1.59 27.90 -14.46
C SER A 19 -1.93 27.26 -13.13
N ILE A 20 -1.18 27.57 -12.07
CA ILE A 20 -1.53 27.10 -10.73
C ILE A 20 -1.74 28.33 -9.85
N PRO A 21 -2.78 29.12 -10.06
CA PRO A 21 -2.90 30.40 -9.34
C PRO A 21 -3.26 30.29 -7.87
N TYR A 22 -3.65 29.11 -7.39
CA TYR A 22 -3.90 28.94 -5.95
C TYR A 22 -2.64 28.58 -5.19
N GLN A 23 -1.52 28.36 -5.87
CA GLN A 23 -0.29 27.97 -5.22
C GLN A 23 0.35 29.18 -4.56
N VAL A 24 0.84 28.98 -3.33
CA VAL A 24 1.53 30.05 -2.62
C VAL A 24 2.89 29.55 -2.14
N SER A 25 3.78 30.50 -1.91
CA SER A 25 5.06 30.23 -1.27
C SER A 25 5.03 30.86 0.12
N LEU A 26 5.37 30.07 1.14
CA LEU A 26 5.56 30.60 2.49
C LEU A 26 7.03 30.99 2.67
N ASN A 27 7.25 32.21 3.11
CA ASN A 27 8.58 32.82 3.13
C ASN A 27 8.93 33.25 4.56
N SER A 28 10.11 32.89 5.02
CA SER A 28 10.62 33.31 6.32
C SER A 28 12.00 33.93 6.14
N GLY A 29 12.12 34.77 5.12
CA GLY A 29 13.39 35.19 4.60
C GLY A 29 13.75 34.43 3.34
N SER A 30 13.29 33.20 3.24
CA SER A 30 13.49 32.37 2.07
C SER A 30 12.24 31.50 1.89
N HIS A 31 12.06 31.02 0.67
CA HIS A 31 11.01 30.02 0.42
C HIS A 31 11.25 28.80 1.31
N PHE A 32 10.22 28.36 2.02
CA PHE A 32 10.39 27.15 2.85
C PHE A 32 9.23 26.16 2.80
N CYS A 33 8.04 26.55 2.37
CA CYS A 33 6.87 25.67 2.31
C CYS A 33 5.93 26.21 1.26
N GLY A 34 5.14 25.29 0.65
CA GLY A 34 4.02 25.68 -0.18
C GLY A 34 2.71 25.77 0.60
N GLY A 35 1.67 26.28 -0.06
CA GLY A 35 0.35 26.29 0.53
C GLY A 35 -0.64 26.51 -0.57
N SER A 36 -1.91 26.60 -0.19
CA SER A 36 -2.99 26.74 -1.15
C SER A 36 -3.97 27.81 -0.67
N LEU A 37 -4.42 28.63 -1.61
CA LEU A 37 -5.35 29.71 -1.31
C LEU A 37 -6.79 29.19 -1.39
N ILE A 38 -7.48 29.15 -0.25
CA ILE A 38 -8.81 28.55 -0.26
C ILE A 38 -9.90 29.62 -0.19
N ASN A 39 -9.63 30.74 0.47
CA ASN A 39 -10.39 31.97 0.23
C ASN A 39 -9.42 33.15 0.28
N SER A 40 -9.95 34.35 0.04
CA SER A 40 -9.10 35.50 -0.20
C SER A 40 -8.25 35.87 1.01
N GLN A 41 -8.56 35.34 2.19
CA GLN A 41 -7.83 35.69 3.40
C GLN A 41 -7.20 34.50 4.10
N TRP A 42 -7.36 33.29 3.57
CA TRP A 42 -6.91 32.08 4.25
C TRP A 42 -6.16 31.17 3.29
N VAL A 43 -5.07 30.62 3.79
CA VAL A 43 -4.26 29.63 3.11
C VAL A 43 -4.26 28.37 3.95
N VAL A 44 -4.32 27.23 3.31
CA VAL A 44 -4.14 25.96 4.01
C VAL A 44 -2.76 25.43 3.69
N SER A 45 -2.12 24.82 4.68
CA SER A 45 -0.77 24.29 4.51
C SER A 45 -0.60 23.13 5.49
N ALA A 46 0.64 22.69 5.69
CA ALA A 46 0.92 21.62 6.65
C ALA A 46 1.35 22.18 7.99
N ALA A 47 0.98 21.49 9.07
CA ALA A 47 1.32 21.97 10.41
C ALA A 47 2.83 21.94 10.64
N HIS A 48 3.53 20.93 10.08
CA HIS A 48 4.97 20.90 10.26
C HIS A 48 5.67 22.09 9.63
N CYS A 49 4.96 22.91 8.86
CA CYS A 49 5.45 24.20 8.38
C CYS A 49 5.19 25.34 9.34
N TYR A 50 4.82 25.08 10.58
CA TYR A 50 4.52 26.19 11.46
C TYR A 50 5.78 27.01 11.72
N LYS A 51 5.62 28.34 11.70
CA LYS A 51 6.67 29.26 12.11
C LYS A 51 5.96 30.49 12.65
N SER A 52 6.63 31.18 13.58
CA SER A 52 6.02 32.32 14.27
C SER A 52 5.80 33.51 13.35
N ARG A 53 6.56 33.62 12.29
CA ARG A 53 6.38 34.71 11.36
C ARG A 53 6.43 34.14 9.97
N ILE A 54 5.43 34.46 9.15
CA ILE A 54 5.36 33.92 7.78
C ILE A 54 4.92 35.04 6.85
N GLN A 55 5.62 35.17 5.73
CA GLN A 55 5.14 36.00 4.64
C GLN A 55 4.57 35.09 3.56
N VAL A 56 3.34 35.35 3.15
CA VAL A 56 2.70 34.56 2.11
C VAL A 56 2.96 35.24 0.78
N ARG A 57 3.44 34.49 -0.21
CA ARG A 57 3.77 35.04 -1.52
C ARG A 57 2.81 34.43 -2.54
N LEU A 58 1.97 35.27 -3.13
CA LEU A 58 0.93 34.85 -4.05
C LEU A 58 1.25 35.28 -5.47
N GLY A 59 0.63 34.61 -6.44
CA GLY A 59 0.86 34.95 -7.84
C GLY A 59 2.30 34.78 -8.26
N GLU A 60 3.04 33.92 -7.57
CA GLU A 60 4.47 33.72 -7.77
C GLU A 60 4.71 32.65 -8.82
N HIS A 61 5.64 32.90 -9.74
CA HIS A 61 6.10 31.83 -10.64
C HIS A 61 7.59 31.57 -10.45
N ASN A 62 8.45 32.56 -10.73
CA ASN A 62 9.85 32.53 -10.36
C ASN A 62 10.00 33.07 -8.95
N ILE A 63 10.41 32.23 -8.00
CA ILE A 63 10.48 32.71 -6.62
C ILE A 63 11.75 33.49 -6.34
N ASP A 64 12.68 33.55 -7.29
CA ASP A 64 13.95 34.23 -7.07
C ASP A 64 14.03 35.59 -7.73
N VAL A 65 13.04 35.97 -8.53
CA VAL A 65 13.10 37.18 -9.33
C VAL A 65 11.77 37.88 -9.15
N LEU A 66 11.80 39.06 -8.55
CA LEU A 66 10.57 39.81 -8.39
C LEU A 66 10.14 40.36 -9.75
N GLU A 67 9.07 39.80 -10.32
CA GLU A 67 8.56 40.29 -11.59
C GLU A 67 7.89 41.65 -11.43
N GLY A 68 6.97 41.76 -10.49
CA GLY A 68 6.29 43.01 -10.22
C GLY A 68 4.84 42.85 -9.83
N ASN A 69 4.21 41.74 -10.20
CA ASN A 69 2.79 41.57 -9.95
C ASN A 69 2.50 40.52 -8.89
N GLU A 70 3.50 40.13 -8.11
CA GLU A 70 3.24 39.26 -6.99
C GLU A 70 2.54 40.03 -5.88
N GLN A 71 1.92 39.30 -4.95
CA GLN A 71 1.38 39.88 -3.73
C GLN A 71 2.10 39.27 -2.54
N PHE A 72 2.74 40.10 -1.75
CA PHE A 72 3.40 39.68 -0.53
C PHE A 72 2.53 40.12 0.64
N ILE A 73 1.98 39.17 1.39
CA ILE A 73 1.06 39.45 2.50
C ILE A 73 1.49 38.68 3.74
N ASN A 74 1.72 39.41 4.84
CA ASN A 74 2.09 38.77 6.10
C ASN A 74 0.93 38.01 6.71
N ALA A 75 1.23 36.90 7.39
CA ALA A 75 0.19 36.16 8.07
C ALA A 75 -0.27 36.92 9.32
N ALA A 76 -1.57 37.05 9.50
CA ALA A 76 -2.07 37.64 10.74
C ALA A 76 -2.33 36.61 11.82
N LYS A 77 -2.56 35.36 11.44
CA LYS A 77 -2.95 34.31 12.38
C LYS A 77 -2.50 33.00 11.76
N ILE A 78 -1.86 32.16 12.56
CA ILE A 78 -1.29 30.89 12.12
C ILE A 78 -1.81 29.82 13.07
N ILE A 79 -2.72 28.98 12.57
CA ILE A 79 -3.47 28.02 13.40
C ILE A 79 -3.09 26.60 13.00
N THR A 80 -2.30 25.93 13.83
CA THR A 80 -2.07 24.52 13.58
C THR A 80 -3.25 23.71 14.08
N HIS A 81 -3.44 22.54 13.49
CA HIS A 81 -4.54 21.67 13.92
C HIS A 81 -4.33 21.29 15.39
N PRO A 82 -5.38 21.36 16.23
CA PRO A 82 -5.18 21.15 17.68
C PRO A 82 -4.79 19.74 18.06
N ASN A 83 -5.05 18.74 17.22
CA ASN A 83 -4.56 17.40 17.49
C ASN A 83 -3.42 17.00 16.55
N PHE A 84 -2.60 17.97 16.13
CA PHE A 84 -1.39 17.66 15.36
C PHE A 84 -0.28 17.15 16.27
N ASN A 85 0.30 16.01 15.90
CA ASN A 85 1.45 15.47 16.61
C ASN A 85 2.57 15.31 15.61
N GLY A 86 3.71 15.95 15.90
CA GLY A 86 4.85 16.06 15.02
C GLY A 86 5.73 14.83 14.94
N ASN A 87 5.38 13.77 15.66
CA ASN A 87 6.14 12.53 15.58
C ASN A 87 5.30 11.31 15.25
N THR A 88 4.01 11.33 15.53
CA THR A 88 3.08 10.45 14.85
C THR A 88 2.77 10.96 13.46
N LEU A 89 3.10 12.21 13.18
CA LEU A 89 2.82 12.86 11.91
C LEU A 89 1.33 12.96 11.60
N ASP A 90 0.46 12.72 12.58
CA ASP A 90 -0.98 12.78 12.34
C ASP A 90 -1.50 14.22 12.41
N ASN A 91 -2.54 14.48 11.61
CA ASN A 91 -3.23 15.78 11.57
C ASN A 91 -2.29 16.91 11.12
N ASP A 92 -1.48 16.64 10.10
CA ASP A 92 -0.52 17.62 9.61
C ASP A 92 -1.22 18.59 8.66
N ILE A 93 -1.92 19.55 9.25
CA ILE A 93 -2.65 20.55 8.50
C ILE A 93 -2.64 21.84 9.31
N MET A 94 -2.65 22.96 8.60
CA MET A 94 -2.45 24.30 9.17
C MET A 94 -3.26 25.31 8.37
N LEU A 95 -3.74 26.34 9.06
CA LEU A 95 -4.43 27.44 8.42
C LEU A 95 -3.69 28.74 8.68
N ILE A 96 -3.61 29.60 7.64
CA ILE A 96 -2.95 30.90 7.73
C ILE A 96 -3.93 31.99 7.32
N LYS A 97 -4.19 32.93 8.24
CA LYS A 97 -5.05 34.08 7.93
C LYS A 97 -4.20 35.25 7.44
N LEU A 98 -4.47 35.69 6.21
CA LEU A 98 -3.77 36.82 5.63
C LEU A 98 -4.07 38.11 6.39
N SER A 99 -3.03 38.91 6.63
CA SER A 99 -3.24 40.18 7.31
C SER A 99 -4.04 41.17 6.48
N SER A 100 -4.23 40.90 5.19
CA SER A 100 -5.10 41.69 4.36
C SER A 100 -5.58 40.75 3.26
N PRO A 101 -6.83 40.90 2.81
CA PRO A 101 -7.33 39.99 1.78
C PRO A 101 -6.47 40.12 0.53
N ALA A 102 -6.29 39.01 -0.16
CA ALA A 102 -5.51 39.01 -1.38
C ALA A 102 -6.38 39.48 -2.53
N THR A 103 -5.75 40.07 -3.55
CA THR A 103 -6.47 40.45 -4.76
C THR A 103 -6.61 39.25 -5.68
N LEU A 104 -7.84 38.86 -5.99
CA LEU A 104 -8.04 37.70 -6.89
C LEU A 104 -8.07 38.16 -8.33
N ASN A 105 -7.27 37.52 -9.18
CA ASN A 105 -7.20 37.81 -10.61
C ASN A 105 -6.70 36.54 -11.30
N SER A 106 -6.20 36.68 -12.53
CA SER A 106 -5.81 35.49 -13.29
C SER A 106 -4.61 34.77 -12.68
N ARG A 107 -3.74 35.51 -11.97
CA ARG A 107 -2.51 34.97 -11.37
C ARG A 107 -2.71 34.47 -9.94
N VAL A 108 -3.79 34.88 -9.28
CA VAL A 108 -4.07 34.58 -7.87
C VAL A 108 -5.54 34.20 -7.78
N ALA A 109 -5.82 32.95 -7.42
CA ALA A 109 -7.20 32.48 -7.38
C ALA A 109 -7.32 31.40 -6.32
N THR A 110 -8.54 31.02 -6.00
CA THR A 110 -8.75 30.07 -4.93
C THR A 110 -9.00 28.69 -5.53
N VAL A 111 -8.70 27.66 -4.74
CA VAL A 111 -9.02 26.28 -5.09
C VAL A 111 -10.09 25.77 -4.14
N SER A 112 -11.02 24.99 -4.67
CA SER A 112 -12.11 24.49 -3.86
C SER A 112 -11.67 23.38 -2.91
N LEU A 113 -12.28 23.35 -1.73
CA LEU A 113 -12.16 22.24 -0.79
C LEU A 113 -12.91 21.01 -1.33
N PRO A 114 -12.58 19.81 -0.85
CA PRO A 114 -13.23 18.61 -1.38
C PRO A 114 -14.70 18.57 -0.98
N ARG A 115 -15.53 18.12 -1.90
CA ARG A 115 -16.90 17.81 -1.52
C ARG A 115 -17.12 16.31 -1.42
N SER A 116 -16.11 15.51 -1.74
CA SER A 116 -16.06 14.11 -1.35
C SER A 116 -14.59 13.73 -1.25
N CYS A 117 -14.33 12.55 -0.70
CA CYS A 117 -12.96 12.06 -0.77
C CYS A 117 -12.67 11.55 -2.17
N ALA A 118 -11.39 11.52 -2.52
CA ALA A 118 -10.98 11.14 -3.87
C ALA A 118 -10.68 9.66 -3.92
N ALA A 119 -11.30 8.98 -4.87
CA ALA A 119 -11.08 7.56 -5.07
C ALA A 119 -9.65 7.29 -5.51
N ALA A 120 -9.14 6.13 -5.13
CA ALA A 120 -7.89 5.63 -5.66
C ALA A 120 -7.93 5.59 -7.19
N GLY A 121 -6.81 5.93 -7.81
CA GLY A 121 -6.71 5.97 -9.25
C GLY A 121 -6.97 7.33 -9.85
N THR A 122 -7.61 8.24 -9.10
CA THR A 122 -7.88 9.60 -9.56
C THR A 122 -6.59 10.36 -9.86
N GLU A 123 -6.52 10.96 -11.04
CA GLU A 123 -5.36 11.76 -11.39
C GLU A 123 -5.40 13.11 -10.67
N CYS A 124 -4.32 13.44 -9.96
CA CYS A 124 -4.16 14.71 -9.27
C CYS A 124 -2.96 15.50 -9.79
N LEU A 125 -2.97 16.79 -9.53
CA LEU A 125 -1.85 17.68 -9.84
C LEU A 125 -1.19 18.14 -8.55
N ILE A 126 0.10 17.82 -8.40
CA ILE A 126 0.96 18.26 -7.31
C ILE A 126 1.88 19.35 -7.82
N SER A 127 2.18 20.34 -6.97
CA SER A 127 3.02 21.46 -7.39
C SER A 127 3.80 22.00 -6.22
N GLY A 128 4.97 22.57 -6.52
CA GLY A 128 5.82 23.15 -5.50
C GLY A 128 7.21 23.45 -6.04
N TRP A 129 8.02 24.00 -5.15
CA TRP A 129 9.35 24.49 -5.49
C TRP A 129 10.44 23.65 -4.83
N GLY A 130 10.13 22.43 -4.42
CA GLY A 130 11.10 21.63 -3.71
C GLY A 130 12.12 20.99 -4.64
N ASN A 131 12.87 20.08 -4.06
CA ASN A 131 13.98 19.46 -4.77
C ASN A 131 13.50 18.72 -6.01
N THR A 132 14.31 18.76 -7.06
CA THR A 132 14.08 17.99 -8.28
C THR A 132 15.04 16.82 -8.45
N LYS A 133 15.95 16.57 -7.51
CA LYS A 133 16.86 15.44 -7.60
C LYS A 133 16.46 14.34 -6.63
N SER A 134 16.53 13.08 -7.11
CA SER A 134 16.30 11.93 -6.25
C SER A 134 17.41 11.77 -5.21
N SER A 135 18.62 12.24 -5.49
CA SER A 135 19.74 12.07 -4.59
C SER A 135 20.42 13.38 -4.19
N GLY A 136 20.97 14.12 -5.15
CA GLY A 136 21.64 15.37 -4.81
C GLY A 136 20.72 16.50 -4.36
N SER A 137 20.91 17.69 -4.93
CA SER A 137 20.14 18.87 -4.54
C SER A 137 20.05 19.82 -5.73
N SER A 138 18.83 20.10 -6.19
CA SER A 138 18.59 20.96 -7.35
C SER A 138 17.21 21.57 -7.23
N TYR A 139 17.15 22.69 -6.57
CA TYR A 139 15.92 23.40 -6.27
C TYR A 139 15.62 24.41 -7.37
N PRO A 140 14.43 24.41 -7.92
CA PRO A 140 14.15 25.28 -9.07
C PRO A 140 13.77 26.68 -8.61
N SER A 141 13.88 27.62 -9.54
CA SER A 141 13.28 28.93 -9.37
C SER A 141 11.83 28.97 -9.86
N LEU A 142 11.43 28.04 -10.73
CA LEU A 142 10.13 28.06 -11.36
C LEU A 142 9.30 26.90 -10.82
N LEU A 143 8.02 27.20 -10.55
CA LEU A 143 7.09 26.23 -10.01
C LEU A 143 7.04 24.95 -10.84
N GLN A 144 7.15 23.81 -10.16
CA GLN A 144 7.15 22.51 -10.79
C GLN A 144 5.81 21.82 -10.56
N CYS A 145 5.46 20.91 -11.48
CA CYS A 145 4.16 20.25 -11.56
C CYS A 145 4.37 18.76 -11.81
N LEU A 146 3.45 17.96 -11.30
CA LEU A 146 3.45 16.55 -11.62
C LEU A 146 2.03 16.03 -11.54
N LYS A 147 1.62 15.26 -12.53
CA LYS A 147 0.37 14.52 -12.45
C LYS A 147 0.66 13.11 -11.97
N ALA A 148 -0.10 12.66 -10.98
CA ALA A 148 0.12 11.36 -10.36
C ALA A 148 -1.21 10.86 -9.82
N PRO A 149 -1.41 9.55 -9.79
CA PRO A 149 -2.65 8.99 -9.25
C PRO A 149 -2.64 8.86 -7.73
N VAL A 150 -3.84 8.94 -7.16
CA VAL A 150 -4.05 8.55 -5.78
C VAL A 150 -3.89 7.05 -5.68
N LEU A 151 -3.08 6.61 -4.73
CA LEU A 151 -2.82 5.20 -4.53
C LEU A 151 -3.87 4.60 -3.60
N SER A 152 -4.02 3.28 -3.68
CA SER A 152 -4.96 2.59 -2.81
C SER A 152 -4.47 2.61 -1.37
N ASP A 153 -5.43 2.58 -0.43
N ASP A 153 -5.41 2.57 -0.43
CA ASP A 153 -5.09 2.46 0.98
CA ASP A 153 -4.99 2.50 0.97
C ASP A 153 -4.23 1.23 1.22
C ASP A 153 -4.21 1.22 1.22
N SER A 154 -4.49 0.16 0.46
CA SER A 154 -3.72 -1.07 0.57
C SER A 154 -2.27 -0.86 0.13
N SER A 155 -2.07 -0.27 -1.05
CA SER A 155 -0.70 -0.08 -1.53
C SER A 155 0.05 0.97 -0.72
N CYS A 156 -0.68 1.96 -0.19
CA CYS A 156 -0.07 2.98 0.65
C CYS A 156 0.41 2.37 1.96
N LYS A 157 -0.40 1.50 2.56
CA LYS A 157 -0.04 0.87 3.81
C LYS A 157 1.02 -0.21 3.64
N SER A 158 1.12 -0.83 2.46
CA SER A 158 2.24 -1.72 2.22
C SER A 158 3.54 -0.96 1.99
N SER A 159 3.49 0.25 1.41
CA SER A 159 4.73 0.99 1.21
C SER A 159 5.24 1.58 2.51
N TYR A 160 4.35 1.91 3.43
CA TYR A 160 4.73 2.52 4.70
C TYR A 160 4.12 1.75 5.85
N PRO A 161 4.54 0.48 6.05
CA PRO A 161 3.91 -0.38 7.05
C PRO A 161 3.83 0.26 8.43
N GLY A 162 2.63 0.40 8.97
CA GLY A 162 2.47 0.92 10.31
C GLY A 162 2.72 2.40 10.47
N GLN A 163 2.72 3.16 9.37
CA GLN A 163 2.90 4.60 9.47
C GLN A 163 1.70 5.40 8.98
N ILE A 164 0.78 4.80 8.27
CA ILE A 164 -0.29 5.53 7.62
C ILE A 164 -1.49 5.54 8.54
N THR A 165 -1.96 6.74 8.91
CA THR A 165 -3.21 6.84 9.63
C THR A 165 -4.35 7.01 8.63
N GLY A 166 -5.56 7.10 9.16
CA GLY A 166 -6.69 7.39 8.31
C GLY A 166 -6.71 8.80 7.76
N ASN A 167 -5.72 9.62 8.11
CA ASN A 167 -5.69 10.99 7.65
C ASN A 167 -4.58 11.24 6.65
N MET A 168 -4.02 10.18 6.08
CA MET A 168 -2.99 10.33 5.06
C MET A 168 -3.38 9.53 3.84
N ILE A 169 -2.93 10.00 2.67
CA ILE A 169 -3.03 9.26 1.43
C ILE A 169 -1.68 9.30 0.72
N CYS A 170 -1.42 8.27 -0.07
CA CYS A 170 -0.23 8.20 -0.90
C CYS A 170 -0.62 8.61 -2.32
N VAL A 171 0.18 9.46 -2.93
CA VAL A 171 -0.02 9.88 -4.32
C VAL A 171 1.29 9.72 -5.06
N GLY A 172 1.26 9.05 -6.19
CA GLY A 172 2.49 8.86 -6.92
C GLY A 172 2.59 7.51 -7.56
N PHE A 173 3.78 6.92 -7.54
CA PHE A 173 4.09 5.76 -8.36
C PHE A 173 4.91 4.75 -7.56
N LEU A 174 4.36 3.55 -7.39
CA LEU A 174 5.12 2.47 -6.79
C LEU A 174 6.46 2.25 -7.48
N GLU A 175 6.54 2.52 -8.79
CA GLU A 175 7.78 2.30 -9.53
C GLU A 175 8.85 3.34 -9.22
N GLY A 176 8.49 4.50 -8.69
CA GLY A 176 9.47 5.55 -8.43
C GLY A 176 9.68 6.48 -9.61
N GLY A 177 10.64 7.39 -9.43
CA GLY A 177 11.04 8.35 -10.44
C GLY A 177 10.32 9.68 -10.42
N LYS A 178 9.05 9.69 -10.06
CA LYS A 178 8.27 10.91 -9.97
C LYS A 178 7.68 11.00 -8.59
N ASP A 179 7.80 12.16 -7.95
CA ASP A 179 7.45 12.30 -6.54
C ASP A 179 7.68 13.75 -6.15
N SER A 180 7.05 14.15 -5.06
CA SER A 180 7.36 15.37 -4.33
C SER A 180 8.59 15.16 -3.43
N CYS A 181 9.16 16.27 -2.97
CA CYS A 181 10.43 16.22 -2.24
C CYS A 181 10.52 17.38 -1.26
N GLN A 182 11.61 17.38 -0.49
CA GLN A 182 11.88 18.42 0.49
C GLN A 182 11.64 19.81 -0.09
N GLY A 183 10.84 20.61 0.59
CA GLY A 183 10.50 21.93 0.12
C GLY A 183 9.19 22.02 -0.66
N ASP A 184 8.66 20.89 -1.14
CA ASP A 184 7.29 20.90 -1.62
C ASP A 184 6.30 20.94 -0.45
N SER A 185 6.75 20.56 0.76
CA SER A 185 5.96 20.59 1.99
C SER A 185 4.84 21.62 2.00
N GLY A 186 3.65 21.21 2.43
CA GLY A 186 2.53 22.12 2.56
C GLY A 186 1.85 22.48 1.27
N GLY A 187 2.41 22.11 0.13
CA GLY A 187 1.82 22.37 -1.16
C GLY A 187 0.59 21.54 -1.50
N PRO A 188 -0.06 21.91 -2.60
CA PRO A 188 -1.35 21.31 -2.95
C PRO A 188 -1.24 20.06 -3.79
N VAL A 189 -2.20 19.18 -3.56
CA VAL A 189 -2.51 18.05 -4.43
C VAL A 189 -3.95 18.30 -4.82
N VAL A 190 -4.15 18.73 -6.06
CA VAL A 190 -5.45 19.16 -6.54
C VAL A 190 -5.93 18.12 -7.53
N CYS A 191 -7.18 17.70 -7.35
CA CYS A 191 -7.69 16.50 -7.97
C CYS A 191 -9.11 16.80 -8.42
N ASN A 192 -9.30 16.99 -9.73
CA ASN A 192 -10.57 17.46 -10.30
C ASN A 192 -10.99 18.78 -9.68
N GLY A 193 -10.07 19.74 -9.67
CA GLY A 193 -10.37 21.06 -9.11
C GLY A 193 -10.64 21.08 -7.63
N GLN A 194 -10.26 20.05 -6.89
CA GLN A 194 -10.53 19.94 -5.46
C GLN A 194 -9.23 19.67 -4.74
N LEU A 195 -8.98 20.41 -3.66
CA LEU A 195 -7.78 20.21 -2.85
C LEU A 195 -7.97 18.99 -1.98
N GLN A 196 -7.39 17.85 -2.39
CA GLN A 196 -7.52 16.60 -1.65
C GLN A 196 -6.30 16.25 -0.81
N GLY A 197 -5.16 16.91 -1.01
CA GLY A 197 -3.94 16.53 -0.32
C GLY A 197 -3.03 17.71 -0.04
N ILE A 198 -2.24 17.57 1.00
CA ILE A 198 -1.23 18.54 1.38
C ILE A 198 0.07 17.78 1.54
N VAL A 199 1.09 18.15 0.76
CA VAL A 199 2.39 17.47 0.87
C VAL A 199 2.80 17.42 2.34
N SER A 200 3.04 16.22 2.86
CA SER A 200 3.33 16.07 4.29
C SER A 200 4.69 15.45 4.57
N TRP A 201 5.04 14.36 3.92
CA TRP A 201 6.29 13.68 4.23
C TRP A 201 6.53 12.57 3.23
N GLY A 202 7.77 12.09 3.22
CA GLY A 202 8.18 10.95 2.42
C GLY A 202 9.46 10.33 2.95
N TYR A 203 9.76 9.14 2.43
CA TYR A 203 10.99 8.41 2.73
C TYR A 203 11.81 8.39 1.47
N GLY A 204 12.86 9.20 1.43
CA GLY A 204 13.60 9.42 0.20
C GLY A 204 12.73 10.19 -0.76
N CYS A 205 13.25 10.36 -1.98
N CYS A 205 13.21 10.31 -2.00
CA CYS A 205 12.49 11.04 -3.03
CA CYS A 205 12.48 11.05 -3.02
C CYS A 205 12.47 10.19 -4.28
C CYS A 205 12.47 10.25 -4.32
N ALA A 206 11.26 9.92 -4.78
CA ALA A 206 11.08 9.16 -6.01
C ALA A 206 11.78 7.80 -5.98
N GLN A 207 11.85 7.18 -4.80
CA GLN A 207 12.36 5.83 -4.68
C GLN A 207 11.24 4.83 -4.90
N LYS A 208 11.61 3.63 -5.32
CA LYS A 208 10.65 2.55 -5.54
C LYS A 208 9.86 2.24 -4.27
N ASN A 209 8.55 2.06 -4.42
N ASN A 209 8.54 2.06 -4.44
CA ASN A 209 7.68 1.63 -3.32
CA ASN A 209 7.61 1.67 -3.37
C ASN A 209 7.67 2.63 -2.17
C ASN A 209 7.66 2.63 -2.18
N LYS A 210 7.97 3.90 -2.45
CA LYS A 210 8.03 4.95 -1.42
C LYS A 210 7.42 6.24 -1.95
N PRO A 211 6.12 6.24 -2.21
CA PRO A 211 5.48 7.47 -2.70
C PRO A 211 5.44 8.55 -1.63
N GLY A 212 5.14 9.76 -2.07
CA GLY A 212 4.87 10.83 -1.13
C GLY A 212 3.61 10.58 -0.33
N VAL A 213 3.62 11.07 0.92
CA VAL A 213 2.48 10.99 1.82
C VAL A 213 1.85 12.37 2.01
N TYR A 214 0.52 12.40 1.97
CA TYR A 214 -0.23 13.65 1.88
C TYR A 214 -1.35 13.65 2.93
N THR A 215 -1.52 14.77 3.59
CA THR A 215 -2.62 14.89 4.52
C THR A 215 -3.93 14.82 3.75
N LYS A 216 -4.86 13.99 4.24
CA LYS A 216 -6.12 13.72 3.55
C LYS A 216 -7.09 14.86 3.83
N VAL A 217 -7.17 15.83 2.91
CA VAL A 217 -7.89 17.07 3.19
C VAL A 217 -9.39 16.83 3.43
N CYS A 218 -9.98 15.82 2.77
CA CYS A 218 -11.41 15.60 2.93
C CYS A 218 -11.79 15.25 4.36
N ASN A 219 -10.83 14.78 5.18
CA ASN A 219 -11.05 14.56 6.60
C ASN A 219 -11.06 15.84 7.42
N TYR A 220 -10.88 17.00 6.80
CA TYR A 220 -10.71 18.23 7.58
C TYR A 220 -11.62 19.35 7.13
N VAL A 221 -12.54 19.10 6.20
CA VAL A 221 -13.31 20.20 5.62
C VAL A 221 -14.12 20.90 6.70
N ASN A 222 -14.61 20.14 7.68
CA ASN A 222 -15.38 20.75 8.75
C ASN A 222 -14.51 21.65 9.59
N TRP A 223 -13.33 21.16 9.98
CA TRP A 223 -12.45 21.95 10.80
C TRP A 223 -12.04 23.22 10.09
N ILE A 224 -11.77 23.12 8.78
CA ILE A 224 -11.33 24.29 8.01
C ILE A 224 -12.43 25.36 8.01
N GLN A 225 -13.64 24.98 7.58
CA GLN A 225 -14.73 25.95 7.50
C GLN A 225 -15.09 26.51 8.87
N GLN A 226 -15.02 25.67 9.90
CA GLN A 226 -15.40 26.18 11.22
C GLN A 226 -14.31 27.08 11.80
N THR A 227 -13.04 26.68 11.66
CA THR A 227 -11.95 27.52 12.12
C THR A 227 -11.89 28.84 11.37
N ILE A 228 -12.16 28.81 10.06
CA ILE A 228 -12.20 30.06 9.29
C ILE A 228 -13.31 30.98 9.80
N ALA A 229 -14.49 30.43 10.06
CA ALA A 229 -15.64 31.24 10.46
C ALA A 229 -15.56 31.69 11.91
N ALA A 230 -14.66 31.12 12.71
CA ALA A 230 -14.49 31.53 14.08
C ALA A 230 -13.33 32.50 14.26
N ASN A 231 -12.56 32.78 13.21
CA ASN A 231 -11.33 33.57 13.35
C ASN A 231 -11.19 34.56 12.20
N LEU B 4 36.69 -5.89 1.02
CA LEU B 4 37.10 -4.66 0.37
C LEU B 4 36.40 -3.43 0.98
N PRO B 5 37.18 -2.47 1.48
CA PRO B 5 36.59 -1.37 2.26
C PRO B 5 35.70 -0.48 1.41
N LYS B 6 34.49 -0.20 1.94
CA LYS B 6 33.47 0.57 1.23
C LYS B 6 33.39 1.99 1.79
N PRO B 7 33.87 3.01 1.07
CA PRO B 7 33.80 4.39 1.60
C PRO B 7 32.37 4.84 1.77
N VAL B 8 32.11 5.55 2.87
CA VAL B 8 30.83 6.23 3.04
C VAL B 8 30.77 7.39 2.06
N LEU B 9 29.60 7.57 1.44
CA LEU B 9 29.44 8.56 0.39
C LEU B 9 28.54 9.70 0.88
N ASP B 10 28.78 10.90 0.37
CA ASP B 10 27.91 12.03 0.66
C ASP B 10 26.73 11.99 -0.30
N THR B 11 25.86 13.01 -0.23
CA THR B 11 24.66 13.02 -1.05
C THR B 11 24.92 13.28 -2.53
N ASN B 12 26.13 13.68 -2.91
CA ASN B 12 26.50 13.77 -4.32
C ASN B 12 27.39 12.62 -4.75
N GLY B 13 27.30 11.48 -4.08
CA GLY B 13 28.06 10.31 -4.42
C GLY B 13 29.53 10.34 -4.03
N LYS B 14 30.02 11.44 -3.48
CA LYS B 14 31.42 11.55 -3.12
C LYS B 14 31.74 10.99 -1.75
N LYS B 15 32.89 10.33 -1.68
CA LYS B 15 33.28 9.73 -0.41
C LYS B 15 33.42 10.80 0.65
N LEU B 16 33.21 10.41 1.89
CA LEU B 16 33.34 11.33 2.99
C LEU B 16 34.81 11.69 3.16
N ASN B 17 35.07 12.96 3.47
CA ASN B 17 36.41 13.46 3.65
C ASN B 17 36.58 14.05 5.05
N PRO B 18 37.57 13.61 5.83
CA PRO B 18 37.74 14.16 7.19
C PRO B 18 38.07 15.63 7.22
N ASN B 19 38.38 16.25 6.09
CA ASN B 19 38.61 17.68 6.05
C ASN B 19 37.33 18.47 5.72
N SER B 20 36.26 17.80 5.31
CA SER B 20 35.02 18.46 4.95
C SER B 20 34.05 18.45 6.13
N SER B 21 33.07 19.36 6.06
CA SER B 21 31.96 19.38 7.00
C SER B 21 30.70 18.89 6.30
N TYR B 22 29.85 18.21 7.07
CA TYR B 22 28.59 17.71 6.56
C TYR B 22 27.50 17.99 7.57
N ARG B 23 26.31 18.25 7.06
CA ARG B 23 25.09 18.15 7.85
C ARG B 23 24.62 16.70 7.81
N ILE B 24 24.09 16.24 8.94
CA ILE B 24 23.46 14.92 8.98
C ILE B 24 21.98 15.11 8.72
N ILE B 25 21.50 14.51 7.65
CA ILE B 25 20.13 14.74 7.23
C ILE B 25 19.39 13.41 7.25
N SER B 26 18.10 13.54 7.48
CA SER B 26 17.19 12.42 7.54
C SER B 26 16.97 11.91 6.11
N THR B 27 16.83 10.59 5.96
CA THR B 27 16.32 10.08 4.69
C THR B 27 14.87 10.49 4.50
N PHE B 28 14.10 10.46 5.58
CA PHE B 28 12.77 11.05 5.63
C PHE B 28 12.84 12.56 5.38
N TRP B 29 11.81 13.09 4.72
CA TRP B 29 11.76 14.53 4.50
C TRP B 29 10.40 15.07 4.92
N GLY B 30 10.27 16.39 4.90
CA GLY B 30 9.01 17.00 5.32
C GLY B 30 8.79 16.80 6.80
N ALA B 31 7.58 16.35 7.17
CA ALA B 31 7.17 16.31 8.57
C ALA B 31 8.07 15.41 9.43
N LEU B 32 8.69 14.39 8.85
CA LEU B 32 9.69 13.72 9.67
C LEU B 32 11.08 13.85 9.07
N GLY B 33 11.32 14.90 8.28
CA GLY B 33 12.65 15.40 8.09
C GLY B 33 13.10 16.20 9.30
N GLY B 34 14.37 16.59 9.28
CA GLY B 34 14.92 17.37 10.36
C GLY B 34 16.37 16.99 10.60
N ASP B 35 17.29 17.90 10.30
CA ASP B 35 18.71 17.62 10.42
C ASP B 35 19.13 17.57 11.88
N VAL B 36 20.24 16.87 12.13
CA VAL B 36 20.81 16.85 13.47
C VAL B 36 21.39 18.21 13.80
N TYR B 37 21.25 18.64 15.06
CA TYR B 37 21.84 19.89 15.52
C TYR B 37 22.27 19.79 16.99
N LEU B 38 23.07 20.78 17.42
CA LEU B 38 23.60 20.87 18.78
C LEU B 38 22.65 21.75 19.59
N GLY B 39 22.14 21.21 20.71
CA GLY B 39 21.14 21.92 21.47
C GLY B 39 21.40 21.81 22.96
N LYS B 40 20.68 22.65 23.71
CA LYS B 40 20.73 22.63 25.17
C LYS B 40 19.92 21.46 25.69
N SER B 41 20.54 20.63 26.53
N SER B 41 20.55 20.63 26.54
CA SER B 41 19.80 19.57 27.20
CA SER B 41 19.81 19.58 27.22
C SER B 41 18.90 20.18 28.28
C SER B 41 18.89 20.19 28.27
N PRO B 42 17.71 19.62 28.50
CA PRO B 42 16.82 20.18 29.54
C PRO B 42 17.41 19.98 30.92
N ASN B 43 17.42 21.06 31.72
CA ASN B 43 17.99 21.05 33.06
C ASN B 43 19.43 20.54 33.05
N SER B 44 20.23 21.11 32.16
CA SER B 44 21.64 20.76 32.06
C SER B 44 22.45 21.86 32.72
N ASP B 45 23.44 21.46 33.51
CA ASP B 45 24.24 22.45 34.23
C ASP B 45 25.26 23.13 33.34
N ALA B 46 25.63 22.52 32.22
CA ALA B 46 26.70 23.05 31.39
C ALA B 46 26.41 24.48 30.97
N PRO B 47 27.44 25.30 30.80
CA PRO B 47 27.23 26.64 30.23
C PRO B 47 27.04 26.60 28.73
N CYS B 48 27.52 25.54 28.05
CA CYS B 48 27.49 25.24 26.64
C CYS B 48 26.36 24.26 26.32
N PRO B 49 25.78 24.40 25.13
CA PRO B 49 24.85 23.38 24.62
C PRO B 49 25.50 21.99 24.66
N ASP B 50 24.75 21.00 25.15
CA ASP B 50 25.34 19.68 25.38
C ASP B 50 24.50 18.49 24.89
N GLY B 51 23.45 18.72 24.10
CA GLY B 51 22.63 17.64 23.58
C GLY B 51 22.72 17.54 22.07
N VAL B 52 22.52 16.33 21.57
CA VAL B 52 22.43 16.06 20.14
C VAL B 52 20.96 15.84 19.80
N PHE B 53 20.39 16.77 19.05
CA PHE B 53 18.98 16.71 18.70
C PHE B 53 18.84 16.58 17.18
N ARG B 54 17.60 16.60 16.74
CA ARG B 54 17.28 16.84 15.35
C ARG B 54 15.97 17.62 15.33
N TYR B 55 15.83 18.51 14.33
CA TYR B 55 14.65 19.35 14.17
C TYR B 55 13.41 18.52 13.91
N ASN B 56 12.25 19.10 14.23
CA ASN B 56 10.96 18.46 14.03
C ASN B 56 10.51 18.45 12.59
N SER B 57 11.23 19.14 11.70
CA SER B 57 10.95 19.13 10.27
C SER B 57 12.22 19.63 9.60
N ASP B 58 12.29 19.48 8.28
CA ASP B 58 13.44 19.97 7.53
C ASP B 58 13.18 21.29 6.82
N VAL B 59 12.11 22.03 7.21
CA VAL B 59 11.75 23.29 6.55
C VAL B 59 12.23 24.54 7.30
N GLY B 60 12.89 24.38 8.44
CA GLY B 60 13.34 25.51 9.20
C GLY B 60 14.84 25.58 9.19
N PRO B 61 15.45 25.62 10.38
CA PRO B 61 16.93 25.67 10.44
C PRO B 61 17.59 24.45 9.83
N SER B 62 18.81 24.64 9.35
CA SER B 62 19.61 23.55 8.83
C SER B 62 20.50 22.97 9.93
N GLY B 63 20.88 21.70 9.75
CA GLY B 63 21.73 21.01 10.70
C GLY B 63 22.95 21.77 11.17
N THR B 64 23.36 21.53 12.40
CA THR B 64 24.71 21.92 12.77
C THR B 64 25.68 21.04 11.99
N PRO B 65 26.69 21.61 11.34
CA PRO B 65 27.64 20.77 10.61
C PRO B 65 28.51 19.94 11.55
N VAL B 66 28.90 18.76 11.08
CA VAL B 66 29.80 17.89 11.81
C VAL B 66 30.98 17.50 10.93
N ARG B 67 32.03 17.00 11.57
CA ARG B 67 33.14 16.36 10.91
C ARG B 67 33.35 14.99 11.53
N PHE B 68 34.03 14.11 10.79
CA PHE B 68 34.19 12.72 11.18
C PHE B 68 35.69 12.44 11.27
N ILE B 69 36.18 12.19 12.47
CA ILE B 69 37.62 11.98 12.70
C ILE B 69 37.88 10.52 12.75
N PRO B 70 38.47 9.91 11.71
CA PRO B 70 38.78 8.49 11.73
C PRO B 70 39.88 8.23 12.73
N LEU B 71 39.80 7.07 13.37
CA LEU B 71 40.83 6.73 14.35
C LEU B 71 42.20 6.65 13.69
N SER B 72 42.26 6.19 12.44
CA SER B 72 43.47 6.23 11.64
C SER B 72 43.11 6.56 10.20
N GLY B 73 44.11 6.49 9.32
CA GLY B 73 43.95 6.81 7.92
C GLY B 73 43.42 8.22 7.68
N ALA B 74 43.00 8.43 6.43
CA ALA B 74 42.38 9.68 6.02
C ALA B 74 41.14 9.48 5.15
N ASN B 75 40.64 8.24 5.04
CA ASN B 75 39.35 7.97 4.43
C ASN B 75 38.32 7.68 5.53
N ILE B 76 37.05 7.67 5.14
CA ILE B 76 35.98 7.28 6.05
C ILE B 76 35.27 6.10 5.40
N PHE B 77 35.40 4.92 6.03
CA PHE B 77 34.83 3.69 5.54
C PHE B 77 33.67 3.25 6.43
N GLU B 78 32.75 2.47 5.84
CA GLU B 78 31.73 1.79 6.63
C GLU B 78 32.38 0.87 7.66
N ASP B 79 31.75 0.77 8.84
CA ASP B 79 32.18 -0.08 9.95
C ASP B 79 33.55 0.29 10.53
N GLN B 80 34.12 1.42 10.13
CA GLN B 80 35.36 1.90 10.72
C GLN B 80 35.08 2.82 11.91
N LEU B 81 35.88 2.69 12.97
CA LEU B 81 35.68 3.51 14.17
C LEU B 81 36.05 4.97 13.94
N LEU B 82 35.31 5.86 14.57
CA LEU B 82 35.55 7.28 14.38
C LEU B 82 34.84 8.06 15.47
N ASN B 83 35.26 9.31 15.64
CA ASN B 83 34.64 10.27 16.53
C ASN B 83 33.85 11.28 15.70
N ILE B 84 32.86 11.90 16.34
CA ILE B 84 31.98 12.88 15.70
C ILE B 84 32.05 14.19 16.45
N GLN B 85 32.25 15.27 15.71
CA GLN B 85 32.36 16.60 16.31
C GLN B 85 31.58 17.62 15.48
N PHE B 86 30.64 18.32 16.12
CA PHE B 86 30.08 19.49 15.48
C PHE B 86 31.21 20.47 15.22
N ASN B 87 31.12 21.15 14.08
CA ASN B 87 32.14 22.07 13.59
C ASN B 87 31.49 23.44 13.57
N ILE B 88 31.65 24.18 14.66
CA ILE B 88 31.04 25.49 14.76
C ILE B 88 32.00 26.43 15.49
N PRO B 89 31.91 27.73 15.24
CA PRO B 89 32.72 28.69 16.01
C PRO B 89 32.30 28.65 17.47
N THR B 90 33.28 28.41 18.33
CA THR B 90 32.99 28.37 19.76
C THR B 90 34.28 28.68 20.52
N VAL B 91 34.12 29.06 21.78
CA VAL B 91 35.27 29.40 22.61
C VAL B 91 35.86 28.11 23.12
N LYS B 92 37.04 28.18 23.74
CA LYS B 92 37.75 26.98 24.19
C LYS B 92 36.91 26.15 25.17
N LEU B 93 36.19 26.83 26.07
CA LEU B 93 35.39 26.14 27.07
C LEU B 93 34.41 25.16 26.45
N CYS B 94 33.86 25.48 25.28
CA CYS B 94 32.83 24.65 24.66
C CYS B 94 33.36 23.70 23.61
N VAL B 95 34.69 23.63 23.39
CA VAL B 95 35.19 22.72 22.37
C VAL B 95 34.77 21.29 22.68
N SER B 96 35.02 20.84 23.92
CA SER B 96 34.64 19.48 24.25
C SER B 96 33.14 19.28 24.04
N TYR B 97 32.36 20.33 24.30
CA TYR B 97 30.91 20.29 24.09
C TYR B 97 30.52 20.41 22.62
N THR B 98 31.46 20.25 21.69
CA THR B 98 31.10 20.00 20.32
C THR B 98 31.32 18.54 19.94
N ILE B 99 31.93 17.76 20.82
CA ILE B 99 32.39 16.41 20.49
C ILE B 99 31.40 15.41 21.04
N TRP B 100 30.96 14.49 20.17
CA TRP B 100 29.91 13.56 20.56
C TRP B 100 30.43 12.54 21.57
N LYS B 101 29.56 12.18 22.50
CA LYS B 101 29.77 11.11 23.47
C LYS B 101 28.39 10.64 23.91
N VAL B 102 28.35 9.49 24.57
CA VAL B 102 27.09 8.90 24.99
C VAL B 102 27.01 8.95 26.51
N GLY B 103 25.87 9.43 27.01
CA GLY B 103 25.56 9.42 28.44
C GLY B 103 24.50 8.38 28.79
N ARG B 110 18.03 1.18 29.33
CA ARG B 110 18.62 0.86 28.04
C ARG B 110 18.79 2.13 27.20
N THR B 111 17.83 3.07 27.27
CA THR B 111 17.95 4.27 26.46
C THR B 111 19.05 5.17 27.02
N MET B 112 20.05 5.47 26.19
CA MET B 112 21.13 6.39 26.55
C MET B 112 21.15 7.54 25.56
N LEU B 113 21.02 8.75 26.09
CA LEU B 113 21.00 9.96 25.28
C LEU B 113 22.37 10.25 24.71
N LEU B 114 22.40 10.64 23.44
CA LEU B 114 23.62 11.19 22.85
C LEU B 114 23.81 12.61 23.36
N GLU B 115 25.03 12.93 23.79
CA GLU B 115 25.37 14.28 24.21
C GLU B 115 26.69 14.70 23.57
N THR B 116 27.15 15.88 23.94
CA THR B 116 28.52 16.31 23.67
C THR B 116 29.27 16.38 25.00
N GLY B 117 30.52 16.79 24.92
CA GLY B 117 31.43 16.73 26.05
C GLY B 117 32.51 15.69 25.92
N GLY B 118 32.64 15.07 24.75
CA GLY B 118 33.57 13.98 24.58
C GLY B 118 34.97 14.47 24.23
N THR B 119 35.83 13.50 23.92
CA THR B 119 37.19 13.74 23.47
C THR B 119 37.41 13.05 22.13
N ILE B 120 38.50 13.38 21.46
CA ILE B 120 38.77 12.85 20.13
C ILE B 120 40.04 12.01 20.16
N GLY B 121 39.96 10.82 19.54
CA GLY B 121 41.16 10.06 19.27
C GLY B 121 41.88 9.55 20.48
N GLN B 122 41.18 9.40 21.60
CA GLN B 122 41.75 8.94 22.86
C GLN B 122 41.08 7.64 23.27
N ALA B 123 41.66 7.04 24.30
CA ALA B 123 41.08 5.82 24.84
C ALA B 123 39.77 6.09 25.56
N ASP B 124 39.58 7.29 26.10
CA ASP B 124 38.34 7.58 26.80
C ASP B 124 37.25 8.13 25.86
N SER B 125 37.55 8.31 24.58
CA SER B 125 36.63 8.92 23.62
C SER B 125 35.49 7.97 23.24
N SER B 126 34.39 8.54 22.78
CA SER B 126 33.26 7.75 22.27
C SER B 126 33.42 7.56 20.77
N TYR B 127 33.51 6.32 20.33
CA TYR B 127 33.70 6.04 18.92
C TYR B 127 32.39 5.57 18.30
N PHE B 128 32.20 5.93 17.04
CA PHE B 128 31.01 5.54 16.30
C PHE B 128 31.44 4.89 15.00
N LYS B 129 30.52 4.13 14.41
CA LYS B 129 30.67 3.53 13.09
C LYS B 129 29.46 3.90 12.24
N ILE B 130 29.72 4.21 10.97
CA ILE B 130 28.68 4.43 9.98
C ILE B 130 28.49 3.13 9.20
N VAL B 131 27.29 2.56 9.27
CA VAL B 131 27.03 1.31 8.56
C VAL B 131 25.89 1.53 7.58
N LYS B 132 25.85 0.68 6.56
CA LYS B 132 24.78 0.79 5.58
C LYS B 132 23.46 0.48 6.24
N SER B 133 22.42 1.22 5.86
CA SER B 133 21.10 1.07 6.46
C SER B 133 20.34 -0.09 5.81
N SER B 134 19.42 -0.69 6.59
CA SER B 134 18.53 -1.72 6.04
C SER B 134 17.66 -1.18 4.90
N LYS B 135 17.36 0.12 4.91
CA LYS B 135 16.62 0.72 3.80
C LYS B 135 17.55 1.58 2.95
N PHE B 136 17.31 2.91 2.90
CA PHE B 136 18.17 3.86 2.19
C PHE B 136 19.06 4.61 3.18
N GLY B 137 20.25 5.00 2.71
CA GLY B 137 21.18 5.75 3.55
C GLY B 137 21.98 4.91 4.55
N TYR B 138 22.31 5.54 5.67
CA TYR B 138 23.17 4.95 6.69
C TYR B 138 22.55 5.04 8.07
N ASN B 139 23.01 4.17 8.94
CA ASN B 139 22.81 4.29 10.38
C ASN B 139 24.13 4.61 11.05
N LEU B 140 24.05 5.25 12.20
CA LEU B 140 25.20 5.42 13.06
C LEU B 140 25.13 4.37 14.16
N LEU B 141 26.30 3.83 14.50
CA LEU B 141 26.45 2.85 15.56
C LEU B 141 27.35 3.46 16.60
N TYR B 142 27.00 3.30 17.86
CA TYR B 142 27.89 3.64 18.96
C TYR B 142 28.60 2.36 19.38
N CYS B 143 29.93 2.43 19.49
CA CYS B 143 30.74 1.25 19.76
C CYS B 143 31.57 1.44 21.02
N PRO B 144 31.06 1.02 22.17
CA PRO B 144 31.88 1.02 23.39
C PRO B 144 33.06 0.09 23.21
N LEU B 145 34.25 0.65 23.03
CA LEU B 145 35.43 -0.14 22.68
C LEU B 145 36.11 -0.71 23.93
N ASN B 158 28.99 -5.67 16.49
CA ASN B 158 27.92 -6.53 17.02
C ASN B 158 27.55 -6.11 18.43
N PHE B 159 28.56 -5.74 19.23
CA PHE B 159 28.30 -5.20 20.55
C PHE B 159 28.16 -3.68 20.53
N CYS B 160 28.02 -3.12 19.34
CA CYS B 160 27.68 -1.73 19.09
C CYS B 160 26.17 -1.55 19.22
N ALA B 161 25.72 -0.32 19.08
CA ALA B 161 24.33 0.00 19.44
C ALA B 161 23.78 1.05 18.49
N LYS B 162 22.60 0.78 17.96
CA LYS B 162 22.02 1.62 16.92
C LYS B 162 21.62 2.97 17.49
N VAL B 163 21.90 4.03 16.73
CA VAL B 163 21.57 5.39 17.12
C VAL B 163 20.20 5.72 16.54
N GLY B 164 19.25 6.07 17.41
CA GLY B 164 17.95 6.54 16.97
C GLY B 164 17.44 7.75 17.74
N VAL B 165 16.11 7.86 17.92
CA VAL B 165 15.51 9.10 18.42
C VAL B 165 14.53 8.78 19.54
N VAL B 166 14.58 9.55 20.63
CA VAL B 166 13.52 9.56 21.62
C VAL B 166 13.00 10.99 21.71
N ILE B 167 11.81 11.12 22.29
CA ILE B 167 11.20 12.43 22.46
C ILE B 167 11.41 12.86 23.90
N GLN B 168 12.01 14.02 24.08
CA GLN B 168 12.39 14.47 25.41
C GLN B 168 11.95 15.92 25.53
N ASN B 169 11.02 16.19 26.43
CA ASN B 169 10.35 17.49 26.53
C ASN B 169 9.85 17.97 25.18
N GLY B 170 9.32 17.05 24.38
CA GLY B 170 8.75 17.40 23.09
C GLY B 170 9.72 17.57 21.95
N LYS B 171 11.02 17.39 22.17
CA LYS B 171 11.99 17.53 21.10
C LYS B 171 12.51 16.16 20.69
N ARG B 172 12.96 16.05 19.44
CA ARG B 172 13.58 14.80 18.98
C ARG B 172 15.03 14.75 19.45
N ARG B 173 15.32 13.88 20.41
CA ARG B 173 16.65 13.72 20.99
C ARG B 173 17.30 12.44 20.49
N LEU B 174 18.53 12.53 19.98
CA LEU B 174 19.17 11.31 19.51
C LEU B 174 19.65 10.48 20.70
N ALA B 175 19.58 9.16 20.54
CA ALA B 175 19.75 8.25 21.66
C ALA B 175 20.04 6.86 21.10
N LEU B 176 20.40 5.96 22.01
CA LEU B 176 20.62 4.56 21.64
C LEU B 176 19.26 3.90 21.62
N VAL B 177 18.90 3.32 20.47
CA VAL B 177 17.67 2.53 20.31
C VAL B 177 18.01 1.45 19.30
N ASN B 178 17.97 0.18 19.71
CA ASN B 178 18.25 -0.88 18.76
C ASN B 178 17.01 -1.47 18.12
N GLU B 179 15.88 -0.77 18.22
CA GLU B 179 14.79 -0.93 17.27
C GLU B 179 14.60 0.42 16.58
N ASN B 180 14.48 0.40 15.26
CA ASN B 180 14.20 1.60 14.48
C ASN B 180 15.34 2.63 14.53
N PRO B 181 16.48 2.33 13.92
CA PRO B 181 17.54 3.34 13.83
C PRO B 181 17.16 4.47 12.89
N LEU B 182 17.83 5.60 13.06
CA LEU B 182 17.65 6.78 12.22
C LEU B 182 18.45 6.64 10.93
N ASP B 183 17.75 6.62 9.78
CA ASP B 183 18.43 6.52 8.49
C ASP B 183 18.86 7.91 8.07
N VAL B 184 20.16 8.09 7.79
CA VAL B 184 20.72 9.42 7.61
C VAL B 184 21.50 9.49 6.31
N LEU B 185 21.64 10.70 5.78
CA LEU B 185 22.58 10.97 4.71
C LEU B 185 23.46 12.13 5.12
N PHE B 186 24.53 12.32 4.38
CA PHE B 186 25.54 13.31 4.73
C PHE B 186 25.65 14.32 3.60
N GLN B 187 25.18 15.53 3.83
CA GLN B 187 25.19 16.59 2.84
C GLN B 187 26.32 17.57 3.15
N GLU B 188 27.27 17.68 2.23
CA GLU B 188 28.44 18.50 2.44
C GLU B 188 28.07 19.98 2.50
N VAL B 189 28.71 20.71 3.42
CA VAL B 189 28.44 22.13 3.60
C VAL B 189 29.21 22.98 2.56
N ILE C 9 -9.23 -28.56 -0.42
CA ILE C 9 -8.37 -29.62 -0.97
C ILE C 9 -9.29 -30.78 -1.43
N VAL C 10 -9.28 -31.09 -2.72
CA VAL C 10 -10.05 -32.19 -3.27
C VAL C 10 -9.19 -33.43 -3.35
N GLY C 11 -9.75 -34.57 -2.93
CA GLY C 11 -9.05 -35.82 -3.04
C GLY C 11 -7.90 -35.99 -2.08
N GLY C 12 -7.88 -35.23 -1.00
CA GLY C 12 -6.82 -35.33 -0.01
C GLY C 12 -7.27 -36.08 1.23
N TYR C 13 -6.62 -35.77 2.36
CA TYR C 13 -6.94 -36.49 3.58
C TYR C 13 -6.78 -35.56 4.77
N THR C 14 -7.55 -35.81 5.82
CA THR C 14 -7.41 -35.08 7.07
C THR C 14 -6.02 -35.24 7.64
N CYS C 15 -5.34 -34.13 7.89
CA CYS C 15 -4.00 -34.19 8.47
C CYS C 15 -4.07 -34.68 9.90
N ALA C 16 -3.02 -35.38 10.32
CA ALA C 16 -2.80 -35.61 11.75
C ALA C 16 -2.71 -34.28 12.47
N ALA C 17 -3.33 -34.21 13.65
CA ALA C 17 -3.29 -33.00 14.46
C ALA C 17 -1.85 -32.63 14.78
N ASN C 18 -1.50 -31.36 14.52
CA ASN C 18 -0.17 -30.79 14.76
C ASN C 18 0.87 -31.34 13.80
N SER C 19 0.46 -32.02 12.74
CA SER C 19 1.37 -32.37 11.67
C SER C 19 1.72 -31.20 10.76
N ILE C 20 0.93 -30.11 10.77
CA ILE C 20 1.24 -28.96 9.91
C ILE C 20 1.34 -27.69 10.74
N PRO C 21 2.32 -27.57 11.65
CA PRO C 21 2.26 -26.48 12.65
C PRO C 21 2.52 -25.10 12.07
N TYR C 22 2.89 -24.99 10.80
CA TYR C 22 3.09 -23.72 10.15
C TYR C 22 1.85 -23.23 9.40
N GLN C 23 0.83 -24.08 9.24
CA GLN C 23 -0.38 -23.64 8.57
C GLN C 23 -1.10 -22.61 9.44
N VAL C 24 -1.58 -21.53 8.84
CA VAL C 24 -2.42 -20.59 9.57
C VAL C 24 -3.72 -20.41 8.81
N SER C 25 -4.74 -20.00 9.55
CA SER C 25 -6.01 -19.60 8.97
C SER C 25 -6.09 -18.09 9.09
N LEU C 26 -6.40 -17.44 7.97
CA LEU C 26 -6.66 -16.01 7.93
C LEU C 26 -8.15 -15.82 8.14
N ASN C 27 -8.52 -15.08 9.17
CA ASN C 27 -9.92 -14.98 9.59
C ASN C 27 -10.37 -13.53 9.55
N SER C 28 -11.53 -13.29 8.94
CA SER C 28 -12.18 -11.99 8.82
C SER C 28 -13.63 -12.07 9.26
N GLY C 29 -13.87 -12.74 10.39
CA GLY C 29 -15.17 -13.21 10.79
C GLY C 29 -15.41 -14.67 10.50
N SER C 30 -14.61 -15.25 9.62
CA SER C 30 -14.66 -16.65 9.26
C SER C 30 -13.36 -16.95 8.53
N HIS C 31 -12.98 -18.21 8.51
CA HIS C 31 -11.84 -18.58 7.69
C HIS C 31 -12.05 -18.11 6.26
N PHE C 32 -11.04 -17.48 5.68
CA PHE C 32 -11.15 -17.12 4.27
C PHE C 32 -9.90 -17.40 3.46
N CYS C 33 -8.77 -17.69 4.09
CA CYS C 33 -7.50 -17.91 3.40
C CYS C 33 -6.56 -18.68 4.31
N GLY C 34 -5.66 -19.44 3.68
CA GLY C 34 -4.54 -20.02 4.39
C GLY C 34 -3.35 -19.06 4.46
N GLY C 35 -2.31 -19.52 5.17
CA GLY C 35 -1.02 -18.85 5.21
C GLY C 35 0.01 -19.77 5.84
N SER C 36 1.25 -19.25 5.93
CA SER C 36 2.40 -20.00 6.44
C SER C 36 3.17 -19.14 7.43
N LEU C 37 3.42 -19.69 8.62
CA LEU C 37 4.27 -19.03 9.60
C LEU C 37 5.74 -19.25 9.20
N ILE C 38 6.45 -18.16 8.92
CA ILE C 38 7.86 -18.24 8.53
C ILE C 38 8.76 -17.59 9.55
N ASN C 39 8.22 -17.15 10.66
CA ASN C 39 8.93 -16.33 11.64
C ASN C 39 7.90 -16.14 12.73
N SER C 40 8.34 -16.08 14.00
CA SER C 40 7.39 -15.87 15.09
C SER C 40 6.48 -14.66 14.85
N GLN C 41 6.91 -13.71 14.02
CA GLN C 41 6.13 -12.50 13.78
C GLN C 41 5.66 -12.35 12.35
N TRP C 42 5.92 -13.30 11.46
CA TRP C 42 5.59 -13.07 10.06
C TRP C 42 4.88 -14.28 9.46
N VAL C 43 3.83 -13.99 8.71
CA VAL C 43 3.08 -14.98 7.96
C VAL C 43 3.16 -14.58 6.51
N VAL C 44 3.24 -15.55 5.60
CA VAL C 44 3.22 -15.25 4.18
C VAL C 44 2.02 -15.96 3.54
N SER C 45 1.40 -15.29 2.57
CA SER C 45 0.13 -15.72 2.01
C SER C 45 0.01 -15.12 0.61
N ALA C 46 -1.20 -15.19 0.05
CA ALA C 46 -1.44 -14.65 -1.29
C ALA C 46 -1.89 -13.20 -1.18
N ALA C 47 -1.37 -12.35 -2.08
CA ALA C 47 -1.80 -10.96 -2.15
C ALA C 47 -3.30 -10.85 -2.40
N HIS C 48 -3.87 -11.75 -3.19
CA HIS C 48 -5.30 -11.69 -3.44
C HIS C 48 -6.13 -12.02 -2.19
N CYS C 49 -5.49 -12.40 -1.10
CA CYS C 49 -6.15 -12.52 0.18
C CYS C 49 -6.16 -11.22 0.97
N TYR C 50 -5.74 -10.10 0.37
CA TYR C 50 -5.61 -8.88 1.17
C TYR C 50 -6.98 -8.45 1.73
N LYS C 51 -6.97 -8.05 3.00
CA LYS C 51 -8.09 -7.38 3.63
C LYS C 51 -7.50 -6.36 4.60
N SER C 52 -8.19 -5.25 4.78
CA SER C 52 -7.70 -4.17 5.64
C SER C 52 -7.51 -4.60 7.09
N ARG C 53 -8.33 -5.53 7.59
CA ARG C 53 -8.15 -6.15 8.89
C ARG C 53 -8.13 -7.66 8.71
N ILE C 54 -7.17 -8.31 9.36
CA ILE C 54 -7.00 -9.76 9.30
C ILE C 54 -6.63 -10.25 10.70
N GLN C 55 -7.37 -11.25 11.18
CA GLN C 55 -6.99 -12.00 12.36
C GLN C 55 -6.30 -13.29 11.93
N VAL C 56 -5.03 -13.45 12.33
CA VAL C 56 -4.30 -14.69 12.07
C VAL C 56 -4.61 -15.70 13.17
N ARG C 57 -4.94 -16.92 12.78
CA ARG C 57 -5.21 -17.98 13.73
C ARG C 57 -4.18 -19.08 13.55
N LEU C 58 -3.40 -19.32 14.61
CA LEU C 58 -2.30 -20.26 14.65
C LEU C 58 -2.65 -21.45 15.55
N GLY C 59 -2.00 -22.58 15.27
CA GLY C 59 -2.29 -23.81 16.01
C GLY C 59 -3.67 -24.38 15.73
N GLU C 60 -4.28 -24.03 14.59
CA GLU C 60 -5.62 -24.51 14.28
C GLU C 60 -5.58 -25.89 13.66
N HIS C 61 -6.61 -26.68 13.96
CA HIS C 61 -6.78 -27.95 13.30
C HIS C 61 -8.27 -28.09 12.97
N ASN C 62 -9.11 -27.68 13.92
CA ASN C 62 -10.55 -27.51 13.71
C ASN C 62 -10.84 -26.01 13.66
N ILE C 63 -11.08 -25.48 12.47
CA ILE C 63 -11.37 -24.05 12.45
C ILE C 63 -12.73 -23.73 13.07
N ASP C 64 -13.56 -24.74 13.34
CA ASP C 64 -14.90 -24.49 13.83
C ASP C 64 -15.05 -24.65 15.34
N VAL C 65 -14.05 -25.17 16.03
CA VAL C 65 -14.16 -25.46 17.45
C VAL C 65 -12.93 -24.90 18.14
N LEU C 66 -13.13 -24.16 19.23
CA LEU C 66 -12.00 -23.64 19.98
C LEU C 66 -11.47 -24.73 20.92
N GLU C 67 -10.41 -25.42 20.48
CA GLU C 67 -9.80 -26.44 21.32
C GLU C 67 -9.18 -25.83 22.58
N GLY C 68 -8.51 -24.69 22.42
CA GLY C 68 -7.91 -23.99 23.54
C GLY C 68 -6.41 -23.78 23.43
N ASN C 69 -5.74 -24.40 22.48
CA ASN C 69 -4.32 -24.21 22.21
C ASN C 69 -4.05 -23.15 21.14
N GLU C 70 -5.09 -22.62 20.52
CA GLU C 70 -4.92 -21.74 19.36
C GLU C 70 -4.38 -20.39 19.81
N GLN C 71 -3.71 -19.69 18.89
CA GLN C 71 -3.33 -18.30 19.13
C GLN C 71 -3.96 -17.41 18.05
N PHE C 72 -4.79 -16.46 18.48
CA PHE C 72 -5.42 -15.50 17.58
C PHE C 72 -4.67 -14.18 17.74
N ILE C 73 -3.99 -13.75 16.69
CA ILE C 73 -3.21 -12.54 16.72
C ILE C 73 -3.57 -11.68 15.52
N ASN C 74 -4.00 -10.45 15.77
CA ASN C 74 -4.38 -9.59 14.67
C ASN C 74 -3.15 -9.19 13.87
N ALA C 75 -3.34 -8.94 12.58
CA ALA C 75 -2.29 -8.39 11.75
C ALA C 75 -2.03 -6.93 12.13
N ALA C 76 -0.77 -6.61 12.42
CA ALA C 76 -0.37 -5.23 12.58
C ALA C 76 0.15 -4.62 11.29
N LYS C 77 0.61 -5.43 10.34
CA LYS C 77 1.17 -4.93 9.09
C LYS C 77 0.79 -5.92 7.99
N ILE C 78 0.25 -5.40 6.89
CA ILE C 78 -0.16 -6.21 5.75
C ILE C 78 0.48 -5.63 4.48
N ILE C 79 1.57 -6.25 4.03
CA ILE C 79 2.39 -5.73 2.94
C ILE C 79 2.21 -6.63 1.72
N THR C 80 1.49 -6.15 0.70
CA THR C 80 1.40 -6.93 -0.53
C THR C 80 2.54 -6.54 -1.46
N HIS C 81 2.95 -7.50 -2.26
CA HIS C 81 4.07 -7.28 -3.18
C HIS C 81 3.77 -6.09 -4.09
N PRO C 82 4.71 -5.17 -4.26
CA PRO C 82 4.41 -3.97 -5.04
C PRO C 82 4.12 -4.27 -6.49
N ASN C 83 4.48 -5.45 -7.00
CA ASN C 83 4.22 -5.80 -8.39
C ASN C 83 3.03 -6.73 -8.54
N PHE C 84 2.30 -6.99 -7.46
CA PHE C 84 1.09 -7.81 -7.57
C PHE C 84 0.11 -7.15 -8.50
N ASN C 85 -0.45 -7.95 -9.41
CA ASN C 85 -1.47 -7.49 -10.34
C ASN C 85 -2.63 -8.48 -10.26
N GLY C 86 -3.75 -8.03 -9.68
CA GLY C 86 -4.92 -8.87 -9.45
C GLY C 86 -5.62 -9.36 -10.71
N ASN C 87 -5.19 -8.94 -11.90
CA ASN C 87 -5.81 -9.43 -13.11
C ASN C 87 -4.87 -10.21 -14.01
N THR C 88 -3.58 -9.88 -14.03
CA THR C 88 -2.61 -10.83 -14.56
C THR C 88 -2.19 -11.88 -13.53
N LEU C 89 -2.64 -11.72 -12.27
CA LEU C 89 -2.38 -12.63 -11.17
C LEU C 89 -0.88 -12.76 -10.84
N ASP C 90 -0.03 -11.99 -11.51
CA ASP C 90 1.40 -12.10 -11.26
C ASP C 90 1.77 -11.46 -9.92
N ASN C 91 2.77 -12.07 -9.24
CA ASN C 91 3.28 -11.65 -7.92
C ASN C 91 2.20 -11.76 -6.84
N ASP C 92 1.50 -12.88 -6.84
CA ASP C 92 0.44 -13.11 -5.87
C ASP C 92 1.05 -13.62 -4.58
N ILE C 93 1.69 -12.68 -3.86
CA ILE C 93 2.34 -12.98 -2.59
C ILE C 93 2.17 -11.79 -1.65
N MET C 94 1.98 -12.08 -0.36
CA MET C 94 1.74 -11.05 0.63
C MET C 94 2.36 -11.46 1.97
N LEU C 95 2.90 -10.48 2.69
CA LEU C 95 3.48 -10.68 4.01
C LEU C 95 2.63 -10.00 5.07
N ILE C 96 2.49 -10.66 6.22
CA ILE C 96 1.71 -10.15 7.33
C ILE C 96 2.60 -10.19 8.55
N LYS C 97 2.76 -9.05 9.22
CA LYS C 97 3.43 -9.00 10.52
C LYS C 97 2.42 -9.08 11.63
N LEU C 98 2.58 -10.07 12.49
CA LEU C 98 1.67 -10.22 13.61
C LEU C 98 1.74 -9.01 14.54
N SER C 99 0.63 -8.76 15.25
CA SER C 99 0.60 -7.72 16.26
C SER C 99 1.48 -8.05 17.46
N SER C 100 1.61 -9.32 17.80
CA SER C 100 2.51 -9.80 18.83
C SER C 100 3.08 -11.13 18.34
N PRO C 101 4.31 -11.46 18.74
CA PRO C 101 4.95 -12.69 18.22
C PRO C 101 4.27 -13.96 18.72
N ALA C 102 4.11 -14.91 17.82
CA ALA C 102 3.50 -16.18 18.20
C ALA C 102 4.36 -16.91 19.22
N THR C 103 3.71 -17.58 20.15
CA THR C 103 4.41 -18.48 21.05
C THR C 103 4.64 -19.79 20.30
N LEU C 104 5.90 -20.07 19.99
CA LEU C 104 6.22 -21.27 19.23
C LEU C 104 6.25 -22.49 20.14
N ASN C 105 5.65 -23.58 19.69
CA ASN C 105 5.61 -24.85 20.40
C ASN C 105 5.44 -25.96 19.37
N SER C 106 4.93 -27.09 19.81
CA SER C 106 4.84 -28.25 18.92
C SER C 106 3.70 -28.11 17.93
N ARG C 107 2.67 -27.34 18.30
CA ARG C 107 1.53 -27.06 17.44
C ARG C 107 1.71 -25.77 16.63
N VAL C 108 2.61 -24.89 17.04
CA VAL C 108 2.86 -23.62 16.35
C VAL C 108 4.33 -23.54 16.04
N ALA C 109 4.70 -23.67 14.77
CA ALA C 109 6.11 -23.63 14.41
C ALA C 109 6.28 -22.98 13.04
N THR C 110 7.51 -22.55 12.78
CA THR C 110 7.85 -21.87 11.55
C THR C 110 8.16 -22.90 10.47
N VAL C 111 8.02 -22.49 9.22
CA VAL C 111 8.44 -23.30 8.09
C VAL C 111 9.52 -22.52 7.39
N SER C 112 10.53 -23.22 6.91
CA SER C 112 11.70 -22.61 6.29
C SER C 112 11.41 -22.17 4.85
N LEU C 113 12.08 -21.10 4.45
CA LEU C 113 12.03 -20.63 3.06
C LEU C 113 12.92 -21.52 2.18
N PRO C 114 12.68 -21.52 0.87
CA PRO C 114 13.44 -22.42 -0.02
C PRO C 114 14.92 -22.07 -0.11
N ARG C 115 15.78 -23.09 0.01
CA ARG C 115 17.21 -22.87 -0.21
C ARG C 115 17.53 -22.84 -1.69
N SER C 116 16.71 -23.49 -2.49
CA SER C 116 16.78 -23.45 -3.94
C SER C 116 15.36 -23.66 -4.45
N CYS C 117 15.15 -23.47 -5.75
CA CYS C 117 13.85 -23.79 -6.30
C CYS C 117 13.66 -25.31 -6.36
N ALA C 118 12.41 -25.74 -6.48
CA ALA C 118 12.09 -27.16 -6.53
C ALA C 118 11.97 -27.62 -7.98
N ALA C 119 12.63 -28.72 -8.31
CA ALA C 119 12.55 -29.26 -9.66
C ALA C 119 11.28 -30.09 -9.83
N ALA C 120 10.89 -30.27 -11.08
CA ALA C 120 9.65 -31.01 -11.37
C ALA C 120 9.71 -32.41 -10.80
N GLY C 121 8.55 -32.92 -10.40
CA GLY C 121 8.47 -34.19 -9.74
C GLY C 121 8.84 -34.19 -8.27
N THR C 122 9.31 -33.06 -7.71
CA THR C 122 9.48 -32.99 -6.26
C THR C 122 8.12 -33.21 -5.60
N GLU C 123 8.08 -34.06 -4.59
CA GLU C 123 6.81 -34.32 -3.90
C GLU C 123 6.59 -33.29 -2.80
N CYS C 124 5.42 -32.64 -2.81
CA CYS C 124 5.10 -31.56 -1.90
C CYS C 124 3.87 -31.90 -1.07
N LEU C 125 3.78 -31.27 0.10
CA LEU C 125 2.60 -31.34 0.95
C LEU C 125 1.81 -30.04 0.81
N ILE C 126 0.56 -30.15 0.40
CA ILE C 126 -0.31 -28.99 0.23
C ILE C 126 -1.42 -29.11 1.26
N SER C 127 -1.76 -28.01 1.93
CA SER C 127 -2.73 -28.10 3.01
C SER C 127 -3.61 -26.86 3.05
N GLY C 128 -4.83 -27.03 3.56
CA GLY C 128 -5.78 -25.95 3.62
C GLY C 128 -7.16 -26.45 3.98
N TRP C 129 -8.06 -25.49 4.22
CA TRP C 129 -9.43 -25.76 4.59
C TRP C 129 -10.41 -25.53 3.45
N GLY C 130 -9.93 -25.48 2.22
CA GLY C 130 -10.78 -25.25 1.06
C GLY C 130 -11.74 -26.39 0.73
N ASN C 131 -12.53 -26.15 -0.32
CA ASN C 131 -13.55 -27.09 -0.77
C ASN C 131 -12.96 -28.46 -1.07
N THR C 132 -13.64 -29.50 -0.61
CA THR C 132 -13.22 -30.87 -0.86
C THR C 132 -13.93 -31.51 -2.05
N LYS C 133 -14.86 -30.81 -2.70
CA LYS C 133 -15.66 -31.35 -3.79
C LYS C 133 -15.26 -30.71 -5.12
N SER C 134 -15.12 -31.54 -6.16
CA SER C 134 -14.82 -31.05 -7.50
C SER C 134 -16.04 -30.57 -8.26
N SER C 135 -17.25 -30.77 -7.71
CA SER C 135 -18.49 -30.40 -8.39
C SER C 135 -19.35 -29.44 -7.58
N GLY C 136 -19.72 -29.80 -6.35
CA GLY C 136 -20.49 -28.89 -5.52
C GLY C 136 -19.64 -28.13 -4.51
N SER C 137 -20.10 -28.09 -3.25
CA SER C 137 -19.39 -27.39 -2.18
C SER C 137 -19.46 -28.23 -0.91
N SER C 138 -18.30 -28.49 -0.31
CA SER C 138 -18.26 -29.23 0.95
C SER C 138 -16.99 -28.83 1.70
N TYR C 139 -17.14 -27.89 2.60
CA TYR C 139 -16.00 -27.31 3.32
C TYR C 139 -15.73 -28.07 4.61
N PRO C 140 -14.49 -28.49 4.83
CA PRO C 140 -14.15 -29.27 6.03
C PRO C 140 -13.86 -28.42 7.26
N SER C 141 -14.17 -29.00 8.43
CA SER C 141 -13.75 -28.39 9.68
C SER C 141 -12.27 -28.66 9.97
N LEU C 142 -11.75 -29.78 9.47
CA LEU C 142 -10.44 -30.28 9.85
C LEU C 142 -9.47 -30.08 8.70
N LEU C 143 -8.27 -29.63 9.04
CA LEU C 143 -7.27 -29.32 8.02
C LEU C 143 -7.09 -30.51 7.08
N GLN C 144 -7.05 -30.25 5.79
CA GLN C 144 -6.89 -31.27 4.76
C GLN C 144 -5.48 -31.24 4.20
N CYS C 145 -4.98 -32.41 3.81
CA CYS C 145 -3.60 -32.55 3.33
C CYS C 145 -3.61 -33.22 1.96
N LEU C 146 -2.58 -32.91 1.17
CA LEU C 146 -2.46 -33.53 -0.14
C LEU C 146 -0.98 -33.57 -0.50
N LYS C 147 -0.49 -34.78 -0.77
CA LYS C 147 0.84 -34.97 -1.33
C LYS C 147 0.69 -34.88 -2.84
N ALA C 148 1.54 -34.06 -3.46
CA ALA C 148 1.46 -33.87 -4.90
C ALA C 148 2.80 -33.35 -5.41
N PRO C 149 3.14 -33.62 -6.69
CA PRO C 149 4.44 -33.19 -7.22
C PRO C 149 4.39 -31.87 -7.99
N VAL C 150 5.50 -31.14 -7.96
CA VAL C 150 5.66 -29.96 -8.81
C VAL C 150 5.64 -30.41 -10.26
N LEU C 151 4.69 -29.88 -11.03
CA LEU C 151 4.65 -30.19 -12.45
C LEU C 151 5.69 -29.38 -13.20
N SER C 152 5.99 -29.83 -14.41
CA SER C 152 6.99 -29.17 -15.24
C SER C 152 6.45 -27.86 -15.80
N ASP C 153 7.36 -26.90 -16.03
CA ASP C 153 6.95 -25.62 -16.59
C ASP C 153 6.28 -25.82 -17.94
N SER C 154 6.79 -26.76 -18.75
CA SER C 154 6.15 -27.02 -20.04
C SER C 154 4.71 -27.48 -19.88
N SER C 155 4.50 -28.45 -18.98
CA SER C 155 3.16 -28.95 -18.72
C SER C 155 2.26 -27.85 -18.16
N CYS C 156 2.84 -26.93 -17.39
CA CYS C 156 2.07 -25.86 -16.75
C CYS C 156 1.58 -24.84 -17.77
N LYS C 157 2.49 -24.33 -18.62
CA LYS C 157 2.08 -23.42 -19.69
C LYS C 157 1.17 -24.12 -20.69
N SER C 158 1.35 -25.43 -20.88
CA SER C 158 0.46 -26.17 -21.77
C SER C 158 -0.94 -26.32 -21.19
N SER C 159 -1.06 -26.39 -19.85
CA SER C 159 -2.38 -26.52 -19.23
C SER C 159 -3.14 -25.21 -19.23
N TYR C 160 -2.41 -24.08 -19.16
CA TYR C 160 -2.99 -22.74 -19.07
C TYR C 160 -2.30 -21.85 -20.10
N PRO C 161 -2.63 -22.01 -21.38
CA PRO C 161 -2.02 -21.16 -22.40
C PRO C 161 -2.28 -19.69 -22.14
N GLY C 162 -1.20 -18.92 -22.10
CA GLY C 162 -1.30 -17.48 -22.01
C GLY C 162 -1.55 -16.96 -20.61
N GLN C 163 -1.26 -17.74 -19.58
CA GLN C 163 -1.59 -17.35 -18.22
C GLN C 163 -0.45 -17.53 -17.21
N ILE C 164 0.57 -18.33 -17.52
CA ILE C 164 1.61 -18.69 -16.56
C ILE C 164 2.80 -17.77 -16.77
N THR C 165 3.23 -17.10 -15.70
CA THR C 165 4.46 -16.33 -15.70
C THR C 165 5.58 -17.17 -15.08
N GLY C 166 6.79 -16.59 -15.07
CA GLY C 166 7.92 -17.16 -14.36
C GLY C 166 7.82 -17.11 -12.85
N ASN C 167 6.75 -16.52 -12.31
CA ASN C 167 6.53 -16.50 -10.87
C ASN C 167 5.45 -17.49 -10.46
N MET C 168 4.97 -18.32 -11.38
CA MET C 168 3.90 -19.29 -11.15
C MET C 168 4.43 -20.70 -11.37
N ILE C 169 3.97 -21.63 -10.55
CA ILE C 169 4.28 -23.04 -10.78
C ILE C 169 2.98 -23.81 -10.71
N CYS C 170 2.99 -24.99 -11.32
CA CYS C 170 1.87 -25.91 -11.22
C CYS C 170 2.27 -27.06 -10.32
N VAL C 171 1.35 -27.47 -9.45
CA VAL C 171 1.53 -28.65 -8.62
C VAL C 171 0.25 -29.46 -8.66
N GLY C 172 0.38 -30.76 -8.87
CA GLY C 172 -0.82 -31.58 -8.85
C GLY C 172 -0.70 -32.73 -9.83
N PHE C 173 -1.83 -33.08 -10.43
CA PHE C 173 -1.95 -34.28 -11.24
C PHE C 173 -2.72 -33.92 -12.50
N LEU C 174 -2.08 -34.08 -13.65
CA LEU C 174 -2.76 -33.71 -14.89
C LEU C 174 -4.00 -34.55 -15.12
N GLU C 175 -3.99 -35.80 -14.63
CA GLU C 175 -5.18 -36.65 -14.66
C GLU C 175 -6.32 -36.10 -13.81
N GLY C 176 -6.02 -35.13 -12.94
CA GLY C 176 -7.03 -34.58 -12.07
C GLY C 176 -7.38 -35.49 -10.90
N GLY C 177 -8.47 -35.13 -10.23
CA GLY C 177 -8.94 -35.85 -9.09
C GLY C 177 -8.36 -35.38 -7.77
N LYS C 178 -7.16 -34.80 -7.76
CA LYS C 178 -6.52 -34.28 -6.57
C LYS C 178 -6.02 -32.87 -6.85
N ASP C 179 -6.45 -31.91 -6.05
CA ASP C 179 -6.15 -30.51 -6.31
C ASP C 179 -6.55 -29.70 -5.09
N SER C 180 -6.09 -28.44 -5.04
CA SER C 180 -6.65 -27.46 -4.12
C SER C 180 -7.76 -26.70 -4.83
N CYS C 181 -8.69 -26.11 -4.06
CA CYS C 181 -9.63 -25.13 -4.64
C CYS C 181 -9.97 -24.07 -3.63
N GLN C 182 -11.16 -23.51 -3.83
CA GLN C 182 -11.64 -22.33 -3.13
C GLN C 182 -11.48 -22.51 -1.62
N GLY C 183 -10.88 -21.52 -0.98
CA GLY C 183 -10.63 -21.56 0.43
C GLY C 183 -9.22 -21.98 0.80
N ASP C 184 -8.51 -22.69 -0.09
CA ASP C 184 -7.10 -23.03 0.15
C ASP C 184 -6.15 -21.89 -0.20
N SER C 185 -6.64 -20.87 -0.93
CA SER C 185 -5.94 -19.61 -1.21
C SER C 185 -4.93 -19.22 -0.15
N GLY C 186 -3.72 -18.85 -0.57
CA GLY C 186 -2.70 -18.37 0.33
C GLY C 186 -2.05 -19.43 1.20
N GLY C 187 -2.55 -20.67 1.21
CA GLY C 187 -1.92 -21.75 1.93
C GLY C 187 -0.60 -22.25 1.37
N PRO C 188 0.06 -23.11 2.14
CA PRO C 188 1.43 -23.53 1.83
C PRO C 188 1.56 -24.75 0.92
N VAL C 189 2.62 -24.72 0.11
CA VAL C 189 3.12 -25.88 -0.63
C VAL C 189 4.54 -26.13 -0.13
N VAL C 190 4.69 -27.15 0.71
CA VAL C 190 5.93 -27.40 1.44
C VAL C 190 6.58 -28.66 0.88
N CYS C 191 7.84 -28.54 0.51
CA CYS C 191 8.49 -29.50 -0.36
C CYS C 191 9.87 -29.79 0.22
N ASN C 192 9.94 -30.82 1.07
CA ASN C 192 11.14 -31.15 1.87
C ASN C 192 11.44 -30.07 2.90
N GLY C 193 10.43 -29.70 3.66
CA GLY C 193 10.62 -28.74 4.74
C GLY C 193 10.80 -27.30 4.31
N GLN C 194 10.68 -27.01 3.03
CA GLN C 194 10.81 -25.66 2.49
C GLN C 194 9.49 -25.23 1.85
N LEU C 195 9.09 -23.98 2.09
CA LEU C 195 7.89 -23.41 1.48
C LEU C 195 8.21 -23.02 0.04
N GLN C 196 7.63 -23.74 -0.92
CA GLN C 196 7.93 -23.54 -2.33
C GLN C 196 6.77 -22.94 -3.11
N GLY C 197 5.55 -23.07 -2.65
CA GLY C 197 4.42 -22.51 -3.36
C GLY C 197 3.41 -21.91 -2.40
N ILE C 198 2.64 -20.96 -2.93
CA ILE C 198 1.50 -20.39 -2.24
C ILE C 198 0.29 -20.56 -3.15
N VAL C 199 -0.79 -21.15 -2.62
CA VAL C 199 -1.98 -21.40 -3.44
C VAL C 199 -2.47 -20.08 -4.03
N SER C 200 -2.62 -20.03 -5.35
CA SER C 200 -2.98 -18.77 -5.99
C SER C 200 -4.30 -18.81 -6.75
N TRP C 201 -4.50 -19.75 -7.69
CA TRP C 201 -5.72 -19.80 -8.51
C TRP C 201 -5.81 -21.13 -9.26
N GLY C 202 -6.97 -21.35 -9.89
CA GLY C 202 -7.19 -22.57 -10.65
C GLY C 202 -8.46 -22.46 -11.45
N TYR C 203 -8.61 -23.40 -12.40
CA TYR C 203 -9.79 -23.46 -13.27
C TYR C 203 -10.55 -24.73 -12.96
N GLY C 204 -11.71 -24.58 -12.33
CA GLY C 204 -12.35 -25.71 -11.69
C GLY C 204 -11.46 -26.25 -10.59
N CYS C 205 -11.92 -27.31 -9.95
N CYS C 205 -11.90 -27.31 -9.92
CA CYS C 205 -11.14 -27.98 -8.93
CA CYS C 205 -11.08 -27.96 -8.90
C CYS C 205 -10.92 -29.43 -9.34
C CYS C 205 -10.91 -29.42 -9.28
N ALA C 206 -9.66 -29.81 -9.56
CA ALA C 206 -9.26 -31.18 -9.82
C ALA C 206 -9.76 -31.72 -11.17
N GLN C 207 -9.87 -30.86 -12.18
CA GLN C 207 -10.19 -31.36 -13.51
C GLN C 207 -8.93 -31.73 -14.29
N LYS C 208 -9.11 -32.60 -15.29
CA LYS C 208 -8.01 -33.06 -16.12
C LYS C 208 -7.31 -31.88 -16.78
N ASN C 209 -5.97 -31.90 -16.74
CA ASN C 209 -5.14 -30.89 -17.37
C ASN C 209 -5.42 -29.49 -16.86
N LYS C 210 -5.90 -29.36 -15.62
CA LYS C 210 -6.14 -28.04 -15.01
C LYS C 210 -5.71 -28.10 -13.56
N PRO C 211 -4.40 -28.22 -13.32
CA PRO C 211 -3.91 -28.32 -11.95
C PRO C 211 -3.97 -26.96 -11.28
N GLY C 212 -3.72 -26.96 -9.97
CA GLY C 212 -3.55 -25.71 -9.26
C GLY C 212 -2.35 -24.92 -9.73
N VAL C 213 -2.51 -23.58 -9.70
CA VAL C 213 -1.42 -22.63 -9.93
C VAL C 213 -0.98 -22.04 -8.61
N TYR C 214 0.32 -21.86 -8.43
CA TYR C 214 0.91 -21.50 -7.15
C TYR C 214 2.01 -20.48 -7.38
N THR C 215 2.11 -19.51 -6.46
CA THR C 215 3.18 -18.54 -6.50
C THR C 215 4.51 -19.23 -6.22
N LYS C 216 5.50 -18.97 -7.07
CA LYS C 216 6.80 -19.62 -6.95
C LYS C 216 7.61 -18.89 -5.89
N VAL C 217 7.58 -19.40 -4.66
CA VAL C 217 8.11 -18.68 -3.50
C VAL C 217 9.61 -18.44 -3.60
N CYS C 218 10.36 -19.34 -4.25
CA CYS C 218 11.81 -19.22 -4.32
C CYS C 218 12.24 -17.94 -5.00
N ASN C 219 11.42 -17.40 -5.92
CA ASN C 219 11.73 -16.10 -6.53
C ASN C 219 11.62 -14.93 -5.55
N TYR C 220 11.09 -15.13 -4.36
CA TYR C 220 10.82 -13.99 -3.47
C TYR C 220 11.63 -14.04 -2.19
N VAL C 221 12.48 -15.05 -2.02
CA VAL C 221 13.25 -15.19 -0.78
C VAL C 221 13.89 -13.88 -0.36
N ASN C 222 14.50 -13.16 -1.31
CA ASN C 222 15.16 -11.90 -0.97
C ASN C 222 14.15 -10.84 -0.58
N TRP C 223 13.08 -10.68 -1.37
CA TRP C 223 12.06 -9.69 -1.05
C TRP C 223 11.49 -9.94 0.34
N ILE C 224 11.28 -11.21 0.69
CA ILE C 224 10.77 -11.50 2.02
C ILE C 224 11.79 -11.10 3.07
N GLN C 225 13.01 -11.61 2.96
CA GLN C 225 14.02 -11.37 3.98
C GLN C 225 14.27 -9.88 4.13
N GLN C 226 14.40 -9.16 3.01
CA GLN C 226 14.62 -7.72 3.08
C GLN C 226 13.44 -6.99 3.70
N THR C 227 12.20 -7.40 3.34
CA THR C 227 11.00 -6.79 3.91
C THR C 227 10.87 -7.06 5.40
N ILE C 228 11.14 -8.30 5.83
CA ILE C 228 11.05 -8.61 7.26
C ILE C 228 12.11 -7.84 8.03
N ALA C 229 13.29 -7.64 7.43
CA ALA C 229 14.38 -6.96 8.13
C ALA C 229 14.21 -5.44 8.12
N ALA C 230 13.46 -4.89 7.18
CA ALA C 230 13.17 -3.46 7.21
C ALA C 230 11.98 -3.12 8.11
N ASN C 231 11.18 -4.10 8.51
CA ASN C 231 9.91 -3.80 9.20
C ASN C 231 9.74 -4.51 10.54
N LEU D 4 -35.53 -30.49 -28.54
CA LEU D 4 -34.99 -31.18 -27.32
C LEU D 4 -34.26 -30.25 -26.33
N PRO D 5 -34.98 -29.21 -25.94
CA PRO D 5 -34.43 -28.17 -25.03
C PRO D 5 -33.77 -28.74 -23.80
N LYS D 6 -32.53 -28.28 -23.59
CA LYS D 6 -31.70 -28.78 -22.47
C LYS D 6 -31.86 -27.86 -21.27
N PRO D 7 -32.21 -28.38 -20.10
CA PRO D 7 -32.35 -27.52 -18.94
C PRO D 7 -30.99 -27.12 -18.40
N VAL D 8 -30.88 -25.85 -18.00
CA VAL D 8 -29.65 -25.40 -17.35
C VAL D 8 -29.60 -25.97 -15.94
N LEU D 9 -28.40 -26.35 -15.51
CA LEU D 9 -28.24 -27.05 -14.24
C LEU D 9 -27.44 -26.19 -13.26
N ASP D 10 -27.66 -26.43 -11.97
CA ASP D 10 -26.89 -25.71 -10.97
C ASP D 10 -25.65 -26.53 -10.57
N THR D 11 -24.90 -26.02 -9.58
CA THR D 11 -23.69 -26.69 -9.15
C THR D 11 -23.96 -28.02 -8.45
N ASN D 12 -25.20 -28.31 -8.04
CA ASN D 12 -25.61 -29.62 -7.57
C ASN D 12 -26.32 -30.44 -8.64
N GLY D 13 -26.24 -30.04 -9.90
CA GLY D 13 -26.87 -30.81 -10.96
C GLY D 13 -28.37 -30.70 -11.04
N LYS D 14 -29.01 -29.91 -10.18
CA LYS D 14 -30.43 -29.65 -10.32
C LYS D 14 -30.68 -28.62 -11.42
N LYS D 15 -31.74 -28.83 -12.18
CA LYS D 15 -32.18 -27.86 -13.18
C LYS D 15 -32.45 -26.50 -12.55
N LEU D 16 -32.23 -25.45 -13.34
CA LEU D 16 -32.52 -24.10 -12.89
C LEU D 16 -34.02 -23.89 -12.77
N ASN D 17 -34.44 -23.18 -11.74
CA ASN D 17 -35.83 -22.99 -11.40
C ASN D 17 -36.17 -21.51 -11.37
N PRO D 18 -37.19 -21.06 -12.10
CA PRO D 18 -37.57 -19.63 -12.00
C PRO D 18 -37.93 -19.20 -10.61
N ASN D 19 -38.22 -20.15 -9.72
CA ASN D 19 -38.61 -19.84 -8.36
C ASN D 19 -37.45 -19.97 -7.36
N SER D 20 -36.25 -20.35 -7.80
CA SER D 20 -35.06 -20.32 -6.96
C SER D 20 -34.27 -19.04 -7.21
N SER D 21 -33.25 -18.83 -6.37
CA SER D 21 -32.26 -17.78 -6.56
C SER D 21 -30.91 -18.45 -6.77
N TYR D 22 -30.00 -17.78 -7.48
CA TYR D 22 -28.70 -18.38 -7.72
C TYR D 22 -27.60 -17.33 -7.74
N ARG D 23 -26.47 -17.69 -7.14
CA ARG D 23 -25.27 -16.90 -7.27
C ARG D 23 -24.58 -17.27 -8.57
N ILE D 24 -24.16 -16.27 -9.33
CA ILE D 24 -23.37 -16.51 -10.53
C ILE D 24 -21.90 -16.50 -10.14
N ILE D 25 -21.27 -17.67 -10.17
CA ILE D 25 -19.91 -17.85 -9.71
C ILE D 25 -19.03 -18.16 -10.91
N SER D 26 -17.74 -17.97 -10.69
CA SER D 26 -16.72 -18.19 -11.70
C SER D 26 -16.27 -19.63 -11.67
N THR D 27 -16.04 -20.20 -12.85
CA THR D 27 -15.34 -21.47 -12.91
C THR D 27 -13.90 -21.33 -12.42
N PHE D 28 -13.27 -20.20 -12.72
CA PHE D 28 -12.01 -19.86 -12.05
C PHE D 28 -12.23 -19.75 -10.56
N TRP D 29 -11.22 -20.13 -9.77
CA TRP D 29 -11.27 -19.91 -8.34
C TRP D 29 -9.98 -19.22 -7.91
N GLY D 30 -9.97 -18.74 -6.67
CA GLY D 30 -8.78 -18.08 -6.14
C GLY D 30 -8.64 -16.64 -6.61
N ALA D 31 -7.42 -16.26 -7.04
CA ALA D 31 -7.20 -14.88 -7.48
C ALA D 31 -8.02 -14.54 -8.72
N LEU D 32 -8.44 -15.53 -9.49
CA LEU D 32 -9.28 -15.33 -10.67
C LEU D 32 -10.75 -15.65 -10.40
N GLY D 33 -11.12 -15.98 -9.15
CA GLY D 33 -12.51 -16.16 -8.80
C GLY D 33 -13.19 -14.82 -8.56
N GLY D 34 -14.47 -14.88 -8.23
CA GLY D 34 -15.24 -13.67 -7.98
C GLY D 34 -16.63 -13.75 -8.59
N ASP D 35 -17.67 -13.84 -7.76
CA ASP D 35 -19.04 -13.94 -8.23
C ASP D 35 -19.53 -12.59 -8.74
N VAL D 36 -20.57 -12.65 -9.58
CA VAL D 36 -21.25 -11.46 -10.05
C VAL D 36 -21.98 -10.79 -8.89
N TYR D 37 -21.90 -9.46 -8.82
CA TYR D 37 -22.61 -8.71 -7.80
C TYR D 37 -23.07 -7.37 -8.36
N LEU D 38 -24.01 -6.78 -7.65
CA LEU D 38 -24.59 -5.49 -7.99
C LEU D 38 -23.86 -4.41 -7.20
N GLY D 39 -23.30 -3.43 -7.90
CA GLY D 39 -22.62 -2.33 -7.28
C GLY D 39 -22.87 -1.04 -8.06
N LYS D 40 -22.35 0.06 -7.53
CA LYS D 40 -22.53 1.34 -8.20
C LYS D 40 -21.50 1.49 -9.30
N SER D 41 -21.93 2.06 -10.43
N SER D 41 -21.93 2.03 -10.43
CA SER D 41 -21.08 2.41 -11.55
CA SER D 41 -21.04 2.39 -11.53
C SER D 41 -20.38 3.74 -11.27
C SER D 41 -20.36 3.72 -11.22
N PRO D 42 -19.13 3.90 -11.69
CA PRO D 42 -18.41 5.14 -11.38
C PRO D 42 -18.99 6.33 -12.13
N ASN D 43 -19.08 7.44 -11.42
CA ASN D 43 -19.59 8.71 -11.94
C ASN D 43 -20.93 8.50 -12.65
N SER D 44 -21.85 7.88 -11.93
CA SER D 44 -23.17 7.59 -12.48
C SER D 44 -24.20 8.61 -11.99
N ASP D 45 -25.16 8.91 -12.85
CA ASP D 45 -26.34 9.72 -12.50
C ASP D 45 -27.43 8.89 -11.84
N ALA D 46 -27.24 7.58 -11.72
CA ALA D 46 -28.29 6.75 -11.16
C ALA D 46 -28.42 7.00 -9.66
N PRO D 47 -29.64 7.05 -9.14
CA PRO D 47 -29.81 7.11 -7.68
C PRO D 47 -29.32 5.85 -7.00
N CYS D 48 -29.54 4.71 -7.62
CA CYS D 48 -29.31 3.38 -7.08
C CYS D 48 -28.07 2.73 -7.70
N PRO D 49 -27.54 1.69 -7.08
CA PRO D 49 -26.52 0.87 -7.73
C PRO D 49 -27.01 0.38 -9.09
N ASP D 50 -26.20 0.59 -10.12
CA ASP D 50 -26.60 0.27 -11.49
C ASP D 50 -25.51 -0.49 -12.26
N GLY D 51 -24.51 -1.02 -11.59
CA GLY D 51 -23.42 -1.74 -12.22
C GLY D 51 -23.48 -3.24 -11.94
N VAL D 52 -23.18 -4.03 -12.96
CA VAL D 52 -23.07 -5.48 -12.82
C VAL D 52 -21.59 -5.83 -12.86
N PHE D 53 -21.03 -6.22 -11.72
CA PHE D 53 -19.60 -6.46 -11.57
C PHE D 53 -19.36 -7.90 -11.18
N ARG D 54 -18.08 -8.25 -11.11
CA ARG D 54 -17.65 -9.45 -10.43
C ARG D 54 -16.50 -9.12 -9.49
N TYR D 55 -16.42 -9.85 -8.37
CA TYR D 55 -15.42 -9.54 -7.36
C TYR D 55 -14.03 -9.86 -7.88
N ASN D 56 -13.02 -9.26 -7.23
CA ASN D 56 -11.63 -9.43 -7.64
C ASN D 56 -11.03 -10.74 -7.19
N SER D 57 -11.68 -11.43 -6.26
CA SER D 57 -11.32 -12.79 -5.89
C SER D 57 -12.55 -13.42 -5.26
N ASP D 58 -12.45 -14.70 -4.93
CA ASP D 58 -13.58 -15.39 -4.31
C ASP D 58 -13.43 -15.54 -2.82
N VAL D 59 -12.47 -14.85 -2.19
CA VAL D 59 -12.26 -15.02 -0.76
C VAL D 59 -12.90 -13.92 0.06
N GLY D 60 -13.53 -12.94 -0.58
CA GLY D 60 -14.24 -11.90 0.12
C GLY D 60 -15.74 -12.13 0.19
N PRO D 61 -16.52 -11.16 -0.29
CA PRO D 61 -17.98 -11.32 -0.28
C PRO D 61 -18.48 -12.26 -1.37
N SER D 62 -19.66 -12.80 -1.14
CA SER D 62 -20.32 -13.65 -2.11
C SER D 62 -21.19 -12.82 -3.06
N GLY D 63 -21.65 -13.47 -4.11
CA GLY D 63 -22.29 -12.72 -5.17
C GLY D 63 -23.68 -12.29 -4.81
N THR D 64 -24.21 -11.36 -5.59
CA THR D 64 -25.61 -10.95 -5.43
C THR D 64 -26.49 -12.00 -6.12
N PRO D 65 -27.46 -12.59 -5.43
CA PRO D 65 -28.29 -13.63 -6.06
C PRO D 65 -29.13 -13.08 -7.19
N VAL D 66 -29.30 -13.90 -8.24
CA VAL D 66 -30.16 -13.56 -9.36
C VAL D 66 -31.26 -14.59 -9.50
N ARG D 67 -32.34 -14.15 -10.15
CA ARG D 67 -33.34 -15.08 -10.65
C ARG D 67 -33.49 -14.88 -12.15
N PHE D 68 -33.79 -15.96 -12.84
CA PHE D 68 -33.89 -15.98 -14.28
C PHE D 68 -35.37 -16.04 -14.66
N ILE D 69 -35.80 -15.12 -15.53
CA ILE D 69 -37.22 -15.02 -15.88
C ILE D 69 -37.45 -15.46 -17.32
N PRO D 70 -37.92 -16.69 -17.53
CA PRO D 70 -38.12 -17.16 -18.91
C PRO D 70 -39.13 -16.29 -19.62
N LEU D 71 -38.92 -16.09 -20.91
CA LEU D 71 -39.83 -15.31 -21.73
C LEU D 71 -41.14 -16.05 -21.96
N SER D 72 -41.10 -17.38 -22.06
CA SER D 72 -42.30 -18.19 -22.26
C SER D 72 -42.22 -19.42 -21.38
N GLY D 73 -43.37 -19.92 -20.98
CA GLY D 73 -43.41 -21.13 -20.18
C GLY D 73 -42.71 -20.96 -18.84
N ALA D 74 -42.66 -22.01 -18.03
CA ALA D 74 -42.17 -21.89 -16.67
C ALA D 74 -40.83 -22.57 -16.44
N ASN D 75 -40.07 -22.83 -17.50
CA ASN D 75 -38.83 -23.58 -17.37
C ASN D 75 -37.69 -22.84 -18.03
N ILE D 76 -36.50 -23.00 -17.45
CA ILE D 76 -35.27 -22.36 -17.92
C ILE D 76 -34.44 -23.36 -18.71
N PHE D 77 -34.25 -23.09 -20.01
CA PHE D 77 -33.54 -23.98 -20.92
C PHE D 77 -32.32 -23.28 -21.53
N GLU D 78 -31.29 -24.06 -21.83
CA GLU D 78 -30.19 -23.54 -22.63
C GLU D 78 -30.70 -22.88 -23.90
N ASP D 79 -30.05 -21.79 -24.29
CA ASP D 79 -30.29 -21.09 -25.54
C ASP D 79 -31.72 -20.54 -25.64
N GLN D 80 -32.41 -20.32 -24.53
CA GLN D 80 -33.74 -19.74 -24.58
C GLN D 80 -33.72 -18.36 -23.94
N LEU D 81 -34.58 -17.49 -24.47
CA LEU D 81 -34.59 -16.08 -24.08
C LEU D 81 -35.10 -15.92 -22.65
N LEU D 82 -34.44 -15.07 -21.89
CA LEU D 82 -34.88 -14.80 -20.53
C LEU D 82 -34.37 -13.43 -20.07
N ASN D 83 -35.02 -12.90 -19.03
CA ASN D 83 -34.46 -11.75 -18.35
C ASN D 83 -33.74 -12.20 -17.09
N ILE D 84 -32.79 -11.38 -16.66
CA ILE D 84 -32.03 -11.60 -15.44
C ILE D 84 -32.31 -10.46 -14.47
N GLN D 85 -32.57 -10.81 -13.21
CA GLN D 85 -32.86 -9.84 -12.16
C GLN D 85 -32.17 -10.28 -10.88
N PHE D 86 -31.33 -9.40 -10.34
CA PHE D 86 -30.81 -9.60 -9.00
C PHE D 86 -31.97 -9.83 -8.04
N ASN D 87 -31.85 -10.85 -7.20
CA ASN D 87 -32.97 -11.23 -6.34
C ASN D 87 -32.64 -10.80 -4.92
N ILE D 88 -32.87 -9.53 -4.64
CA ILE D 88 -32.54 -8.96 -3.35
C ILE D 88 -33.59 -7.97 -2.94
N PRO D 89 -33.81 -7.80 -1.64
CA PRO D 89 -34.63 -6.69 -1.17
C PRO D 89 -34.05 -5.36 -1.63
N THR D 90 -34.93 -4.39 -1.78
CA THR D 90 -34.53 -3.07 -2.22
C THR D 90 -35.44 -2.05 -1.55
N VAL D 91 -35.13 -0.80 -1.77
CA VAL D 91 -36.04 0.30 -1.48
C VAL D 91 -36.80 0.61 -2.76
N LYS D 92 -38.07 1.02 -2.64
CA LYS D 92 -38.95 1.05 -3.80
C LYS D 92 -38.40 1.90 -4.93
N LEU D 93 -37.65 2.96 -4.60
CA LEU D 93 -37.07 3.77 -5.66
C LEU D 93 -36.07 2.98 -6.48
N CYS D 94 -35.55 1.86 -5.95
CA CYS D 94 -34.49 1.11 -6.58
C CYS D 94 -34.93 -0.22 -7.17
N VAL D 95 -36.24 -0.44 -7.33
CA VAL D 95 -36.71 -1.77 -7.75
C VAL D 95 -36.19 -2.11 -9.13
N SER D 96 -36.31 -1.19 -10.07
CA SER D 96 -35.85 -1.52 -11.41
C SER D 96 -34.34 -1.61 -11.50
N TYR D 97 -33.62 -1.12 -10.49
CA TYR D 97 -32.17 -1.24 -10.48
C TYR D 97 -31.71 -2.60 -9.99
N THR D 98 -32.62 -3.57 -10.03
CA THR D 98 -32.26 -4.98 -9.91
C THR D 98 -32.28 -5.70 -11.25
N ILE D 99 -32.83 -5.08 -12.29
CA ILE D 99 -33.09 -5.75 -13.57
C ILE D 99 -31.96 -5.45 -14.55
N TRP D 100 -31.32 -6.52 -15.04
CA TRP D 100 -30.23 -6.38 -15.97
C TRP D 100 -30.71 -5.76 -17.28
N LYS D 101 -29.82 -5.01 -17.90
CA LYS D 101 -30.03 -4.36 -19.18
C LYS D 101 -28.66 -4.02 -19.74
N VAL D 102 -28.58 -3.82 -21.04
CA VAL D 102 -27.31 -3.51 -21.68
C VAL D 102 -27.35 -2.06 -22.16
N GLY D 103 -26.31 -1.30 -21.81
CA GLY D 103 -26.06 0.03 -22.34
C GLY D 103 -24.58 0.42 -22.40
N LEU D 109 -17.41 2.04 -30.69
CA LEU D 109 -18.27 1.43 -29.70
C LEU D 109 -18.70 -0.01 -29.97
N ARG D 110 -18.40 -0.92 -29.04
CA ARG D 110 -18.90 -2.30 -29.12
C ARG D 110 -19.03 -2.95 -27.75
N THR D 111 -18.00 -2.86 -26.87
CA THR D 111 -18.18 -3.44 -25.54
C THR D 111 -19.11 -2.54 -24.76
N MET D 112 -20.40 -2.85 -24.78
CA MET D 112 -21.38 -2.17 -23.94
C MET D 112 -21.44 -2.84 -22.58
N LEU D 113 -21.65 -2.03 -21.54
CA LEU D 113 -21.60 -2.47 -20.15
C LEU D 113 -22.92 -3.06 -19.70
N LEU D 114 -22.84 -4.17 -18.97
CA LEU D 114 -24.02 -4.68 -18.29
C LEU D 114 -24.36 -3.79 -17.10
N GLU D 115 -25.61 -3.33 -17.05
CA GLU D 115 -26.15 -2.42 -16.04
C GLU D 115 -27.45 -2.97 -15.47
N THR D 116 -27.97 -2.31 -14.42
CA THR D 116 -29.35 -2.55 -14.06
C THR D 116 -30.19 -1.33 -14.40
N GLY D 117 -31.45 -1.33 -13.98
CA GLY D 117 -32.34 -0.27 -14.36
C GLY D 117 -33.15 -0.60 -15.59
N GLY D 118 -33.45 -1.88 -15.81
CA GLY D 118 -34.19 -2.31 -16.98
C GLY D 118 -35.60 -2.76 -16.63
N THR D 119 -36.22 -3.42 -17.60
CA THR D 119 -37.57 -3.94 -17.43
C THR D 119 -37.57 -5.42 -17.74
N ILE D 120 -38.57 -6.11 -17.19
CA ILE D 120 -38.80 -7.52 -17.45
C ILE D 120 -39.90 -7.65 -18.49
N GLY D 121 -39.71 -8.58 -19.43
CA GLY D 121 -40.77 -9.02 -20.34
C GLY D 121 -41.53 -7.93 -21.09
N GLN D 122 -40.79 -7.03 -21.73
CA GLN D 122 -41.34 -5.90 -22.46
C GLN D 122 -40.52 -5.75 -23.73
N ALA D 123 -41.00 -4.90 -24.63
CA ALA D 123 -40.30 -4.76 -25.91
C ALA D 123 -38.95 -4.10 -25.72
N ASP D 124 -38.80 -3.28 -24.68
CA ASP D 124 -37.55 -2.58 -24.38
C ASP D 124 -36.60 -3.39 -23.48
N SER D 125 -37.05 -4.51 -22.93
CA SER D 125 -36.21 -5.28 -22.02
C SER D 125 -34.98 -5.88 -22.70
N SER D 126 -33.94 -6.12 -21.90
CA SER D 126 -32.75 -6.82 -22.34
C SER D 126 -32.93 -8.32 -22.12
N TYR D 127 -32.88 -9.10 -23.19
CA TYR D 127 -33.07 -10.54 -23.10
C TYR D 127 -31.73 -11.24 -23.20
N PHE D 128 -31.58 -12.30 -22.41
CA PHE D 128 -30.35 -13.06 -22.33
C PHE D 128 -30.62 -14.54 -22.60
N LYS D 129 -29.56 -15.27 -22.93
CA LYS D 129 -29.59 -16.73 -23.09
C LYS D 129 -28.43 -17.33 -22.31
N ILE D 130 -28.68 -18.45 -21.62
CA ILE D 130 -27.61 -19.25 -21.03
C ILE D 130 -27.25 -20.35 -22.02
N VAL D 131 -25.98 -20.41 -22.42
CA VAL D 131 -25.52 -21.47 -23.31
C VAL D 131 -24.33 -22.19 -22.68
N LYS D 132 -24.13 -23.43 -23.14
CA LYS D 132 -23.04 -24.23 -22.59
C LYS D 132 -21.72 -23.76 -23.17
N SER D 133 -20.75 -23.55 -22.29
CA SER D 133 -19.44 -23.05 -22.67
C SER D 133 -18.68 -24.08 -23.50
N SER D 134 -17.72 -23.60 -24.28
CA SER D 134 -16.81 -24.53 -24.94
C SER D 134 -15.90 -25.25 -23.94
N LYS D 135 -15.85 -24.79 -22.69
CA LYS D 135 -15.04 -25.41 -21.64
C LYS D 135 -15.96 -25.91 -20.53
N PHE D 136 -15.64 -25.68 -19.26
CA PHE D 136 -16.52 -26.02 -18.14
C PHE D 136 -17.49 -24.87 -17.87
N GLY D 137 -18.73 -25.20 -17.52
CA GLY D 137 -19.71 -24.18 -17.16
C GLY D 137 -20.55 -23.63 -18.31
N TYR D 138 -21.15 -22.48 -18.05
CA TYR D 138 -22.03 -21.81 -19.00
C TYR D 138 -21.53 -20.41 -19.33
N ASN D 139 -21.96 -19.90 -20.48
CA ASN D 139 -21.77 -18.51 -20.85
C ASN D 139 -23.13 -17.83 -20.94
N LEU D 140 -23.15 -16.52 -20.70
CA LEU D 140 -24.34 -15.72 -20.93
C LEU D 140 -24.23 -15.01 -22.27
N LEU D 141 -25.39 -14.76 -22.86
CA LEU D 141 -25.49 -14.17 -24.18
C LEU D 141 -26.50 -13.05 -24.15
N TYR D 142 -26.11 -11.87 -24.60
CA TYR D 142 -27.07 -10.80 -24.83
C TYR D 142 -27.60 -10.96 -26.24
N CYS D 143 -28.91 -10.76 -26.41
CA CYS D 143 -29.56 -11.01 -27.70
C CYS D 143 -30.51 -9.88 -28.02
N PRO D 144 -30.08 -8.92 -28.83
CA PRO D 144 -30.99 -7.83 -29.25
C PRO D 144 -32.25 -8.38 -29.90
N LEU D 145 -33.30 -7.58 -29.85
CA LEU D 145 -34.53 -7.96 -30.53
C LEU D 145 -34.71 -7.22 -31.85
N PHE D 159 -26.73 -13.72 -33.90
CA PHE D 159 -26.58 -12.26 -33.82
C PHE D 159 -26.56 -11.79 -32.37
N CYS D 160 -26.03 -12.63 -31.51
CA CYS D 160 -25.97 -12.34 -30.09
C CYS D 160 -24.53 -12.00 -29.71
N ALA D 161 -24.35 -11.57 -28.47
CA ALA D 161 -23.04 -11.13 -28.01
C ALA D 161 -22.72 -11.81 -26.69
N LYS D 162 -21.50 -12.36 -26.60
CA LYS D 162 -21.05 -13.01 -25.38
C LYS D 162 -20.82 -12.00 -24.26
N VAL D 163 -21.09 -12.42 -23.04
CA VAL D 163 -20.84 -11.60 -21.86
C VAL D 163 -19.50 -12.00 -21.28
N GLY D 164 -18.64 -11.01 -21.09
CA GLY D 164 -17.36 -11.20 -20.42
C GLY D 164 -17.08 -10.04 -19.50
N VAL D 165 -15.82 -9.66 -19.40
CA VAL D 165 -15.39 -8.73 -18.37
C VAL D 165 -14.41 -7.74 -18.98
N VAL D 166 -14.59 -6.48 -18.68
CA VAL D 166 -13.62 -5.45 -18.99
C VAL D 166 -13.24 -4.83 -17.67
N ILE D 167 -12.04 -4.29 -17.59
CA ILE D 167 -11.61 -3.62 -16.36
C ILE D 167 -12.08 -2.17 -16.45
N GLN D 168 -12.93 -1.79 -15.52
CA GLN D 168 -13.44 -0.43 -15.47
C GLN D 168 -13.06 0.14 -14.11
N ASN D 169 -12.20 1.14 -14.10
CA ASN D 169 -11.79 1.84 -12.88
C ASN D 169 -11.22 0.87 -11.85
N GLY D 170 -10.31 0.00 -12.31
CA GLY D 170 -9.71 -1.01 -11.49
C GLY D 170 -10.59 -2.23 -11.22
N LYS D 171 -11.89 -2.10 -11.41
CA LYS D 171 -12.87 -3.13 -11.08
C LYS D 171 -13.16 -4.01 -12.28
N ARG D 172 -13.75 -5.16 -12.01
CA ARG D 172 -14.13 -6.15 -13.02
C ARG D 172 -15.58 -5.93 -13.41
N ARG D 173 -15.81 -5.24 -14.53
CA ARG D 173 -17.16 -4.94 -15.00
C ARG D 173 -17.62 -5.94 -16.06
N LEU D 174 -18.78 -6.55 -15.84
CA LEU D 174 -19.36 -7.38 -16.87
C LEU D 174 -19.78 -6.52 -18.05
N ALA D 175 -19.47 -7.01 -19.24
CA ALA D 175 -19.67 -6.24 -20.47
C ALA D 175 -19.78 -7.22 -21.63
N LEU D 176 -20.23 -6.71 -22.78
CA LEU D 176 -20.27 -7.53 -23.98
C LEU D 176 -18.87 -7.64 -24.56
N VAL D 177 -18.35 -8.86 -24.66
CA VAL D 177 -17.06 -9.13 -25.30
C VAL D 177 -17.27 -10.40 -26.11
N ASN D 178 -17.16 -10.31 -27.44
CA ASN D 178 -17.29 -11.54 -28.22
C ASN D 178 -15.94 -12.20 -28.51
N GLU D 179 -14.97 -12.00 -27.65
CA GLU D 179 -13.85 -12.90 -27.48
C GLU D 179 -13.70 -13.09 -25.97
N ASN D 180 -13.35 -14.29 -25.55
CA ASN D 180 -13.09 -14.56 -24.14
C ASN D 180 -14.31 -14.34 -23.24
N PRO D 181 -15.40 -15.09 -23.41
CA PRO D 181 -16.52 -14.99 -22.46
C PRO D 181 -16.16 -15.55 -21.10
N LEU D 182 -16.88 -15.06 -20.10
CA LEU D 182 -16.74 -15.57 -18.73
C LEU D 182 -17.46 -16.92 -18.61
N ASP D 183 -16.74 -17.96 -18.18
CA ASP D 183 -17.38 -19.22 -17.84
C ASP D 183 -17.90 -19.15 -16.42
N VAL D 184 -19.19 -19.41 -16.21
CA VAL D 184 -19.84 -19.27 -14.91
C VAL D 184 -20.61 -20.54 -14.55
N LEU D 185 -21.00 -20.59 -13.27
CA LEU D 185 -21.82 -21.67 -12.73
C LEU D 185 -22.94 -21.04 -11.90
N PHE D 186 -23.93 -21.85 -11.58
CA PHE D 186 -25.14 -21.35 -10.94
C PHE D 186 -25.29 -22.08 -9.61
N GLN D 187 -25.33 -21.32 -8.53
CA GLN D 187 -25.25 -21.86 -7.19
C GLN D 187 -26.55 -21.50 -6.47
N GLU D 188 -27.35 -22.51 -6.14
N GLU D 188 -27.36 -22.51 -6.16
CA GLU D 188 -28.61 -22.27 -5.45
CA GLU D 188 -28.62 -22.25 -5.47
C GLU D 188 -28.37 -21.66 -4.08
C GLU D 188 -28.34 -21.63 -4.11
N VAL D 189 -29.08 -20.58 -3.80
CA VAL D 189 -28.96 -19.87 -2.54
C VAL D 189 -29.59 -20.67 -1.40
#